data_3PUR
#
_entry.id   3PUR
#
_cell.length_a   66.009
_cell.length_b   144.086
_cell.length_c   78.087
_cell.angle_alpha   90.00
_cell.angle_beta   106.22
_cell.angle_gamma   90.00
#
_symmetry.space_group_name_H-M   'P 1 21 1'
#
loop_
_entity.id
_entity.type
_entity.pdbx_description
1 polymer 'Lysine-specific demethylase 7 homolog'
2 non-polymer 'FE (II) ION'
3 non-polymer 'ZINC ION'
4 non-polymer '(2R)-2-hydroxypentanedioic acid'
5 water water
#
_entity_poly.entity_id   1
_entity_poly.type   'polypeptide(L)'
_entity_poly.pdbx_seq_one_letter_code
;EFHMEQKTPKESDRCGGCGKFTHEDDLIALEEEKKKEKEKPLMSKKKSHHHKKNDFQWIGCDSCQTWYHFLCSGLEQFEY
YLYEKFFCPKCVPHTGHSIRYKVVAPHRYRWYSPNEKHLGIEVGSKTWIEDFITRENTVPSPTDDEVCIVEDGYEFRREF
EKLGGADNWGKVFMVKDMDGLNMTMPKPGFDLEDVVKIMGSDYEVDTIDVYNQSTYSMKLDTFRKLFRDTKNRPLLYNFL
SLEFSDNNEMKEIAKPPRFVQEISMVNRLWPDVSGAEYIKLLQREEYLPEDQRPKVEQFCLAGMAGSYTDFHVDFGGSSV
YYHILKGEKIFYIAAPTEQNFAAYQAHETSPDTTTWFGDIANGAVKRVVIKEGQTLLIPAGWIHAVLTPVDSLVFGGNFL
HLGNLEMQMRVYHLENAIRKEIRSEEKFYFPNFELLHWMYMRNVLLEKITEANQEGSDMREQEKNIWTASQIMKAEMERW
MDRELRLGPEKNAILPTDDKNKIMISVRKQIEIQTKIQNAKNKPMGLK
;
_entity_poly.pdbx_strand_id   A,C
#
# COMPACT_ATOMS: atom_id res chain seq x y z
N PRO A 9 15.91 47.62 -1.90
CA PRO A 9 16.68 48.19 -3.01
C PRO A 9 17.68 49.28 -2.54
N LYS A 10 18.68 48.90 -1.76
CA LYS A 10 19.63 49.91 -1.27
C LYS A 10 21.05 49.78 -1.85
N GLU A 11 21.82 50.85 -1.73
CA GLU A 11 23.12 50.96 -2.37
C GLU A 11 24.24 50.57 -1.43
N SER A 12 25.47 50.80 -1.89
CA SER A 12 26.63 50.61 -1.04
C SER A 12 26.74 51.76 -0.03
N ASP A 13 25.77 51.78 0.91
CA ASP A 13 25.68 52.69 2.08
C ASP A 13 25.29 51.89 3.35
N ARG A 14 25.35 52.49 4.54
CA ARG A 14 25.43 51.69 5.78
C ARG A 14 24.18 51.56 6.69
N CYS A 15 24.08 50.42 7.38
CA CYS A 15 22.96 50.09 8.27
C CYS A 15 23.01 50.88 9.56
N GLY A 16 21.93 51.59 9.87
CA GLY A 16 21.89 52.48 11.01
C GLY A 16 21.99 51.77 12.35
N GLY A 17 21.78 50.47 12.34
CA GLY A 17 21.87 49.68 13.54
C GLY A 17 23.30 49.21 13.81
N CYS A 18 23.83 48.39 12.91
CA CYS A 18 25.16 47.83 13.13
C CYS A 18 26.29 48.65 12.49
N GLY A 19 25.92 49.74 11.82
CA GLY A 19 26.89 50.64 11.22
C GLY A 19 27.71 50.08 10.07
N LYS A 20 27.34 48.91 9.55
CA LYS A 20 28.08 48.33 8.42
C LYS A 20 27.40 48.55 7.07
N PHE A 21 28.19 48.52 6.00
CA PHE A 21 27.69 48.73 4.64
C PHE A 21 27.19 47.42 4.01
N THR A 22 26.80 47.46 2.73
CA THR A 22 26.32 46.26 2.05
C THR A 22 27.30 45.09 2.18
N LEU A 42 19.35 20.36 16.16
CA LEU A 42 17.90 20.27 16.17
C LEU A 42 17.43 18.99 16.89
N MET A 43 17.08 19.13 18.17
CA MET A 43 16.56 18.00 18.95
C MET A 43 15.06 18.07 19.23
N SER A 44 14.48 19.26 19.08
CA SER A 44 13.04 19.49 19.23
C SER A 44 12.49 20.33 18.07
N LYS A 45 11.17 20.53 18.07
CA LYS A 45 10.48 21.16 16.94
C LYS A 45 10.83 22.65 16.75
N LYS A 46 11.53 22.94 15.66
CA LYS A 46 11.90 24.32 15.32
C LYS A 46 11.82 24.54 13.80
N LYS A 47 11.12 25.60 13.38
CA LYS A 47 10.96 25.90 11.95
C LYS A 47 11.40 27.32 11.54
N SER A 48 11.55 28.23 12.50
CA SER A 48 11.86 29.62 12.16
C SER A 48 13.31 29.84 11.68
N HIS A 49 14.20 28.91 12.03
CA HIS A 49 15.63 29.04 11.72
C HIS A 49 15.98 28.87 10.22
N HIS A 50 15.00 28.51 9.40
CA HIS A 50 15.24 28.25 7.98
C HIS A 50 15.46 29.53 7.15
N HIS A 51 14.52 30.45 7.26
CA HIS A 51 14.64 31.75 6.56
C HIS A 51 15.15 32.89 7.47
N LYS A 52 16.17 32.57 8.28
CA LYS A 52 16.99 33.58 8.94
C LYS A 52 17.87 34.27 7.88
N LYS A 53 17.57 33.99 6.61
CA LYS A 53 18.27 34.59 5.48
C LYS A 53 17.58 35.88 5.06
N ASN A 54 16.54 36.24 5.80
CA ASN A 54 15.89 37.54 5.68
C ASN A 54 16.50 38.49 6.70
N ASP A 55 17.11 37.93 7.73
CA ASP A 55 17.73 38.73 8.78
C ASP A 55 18.70 39.75 8.19
N PHE A 56 19.39 39.38 7.14
CA PHE A 56 20.38 40.29 6.56
C PHE A 56 19.98 40.80 5.17
N GLN A 57 18.67 40.84 4.92
CA GLN A 57 18.14 41.65 3.83
C GLN A 57 17.85 43.02 4.42
N TRP A 58 17.54 43.99 3.57
CA TRP A 58 17.46 45.38 4.04
C TRP A 58 16.06 46.00 4.00
N ILE A 59 15.80 46.85 5.01
CA ILE A 59 14.57 47.63 5.11
C ILE A 59 14.98 49.08 5.36
N GLY A 60 14.32 50.00 4.67
CA GLY A 60 14.62 51.41 4.82
C GLY A 60 13.54 52.16 5.57
N CYS A 61 13.95 53.06 6.46
CA CYS A 61 12.93 53.85 7.15
C CYS A 61 12.30 54.86 6.21
N ASP A 62 10.99 54.91 6.21
CA ASP A 62 10.24 55.78 5.31
C ASP A 62 10.36 57.26 5.68
N SER A 63 10.78 57.53 6.91
CA SER A 63 10.89 58.93 7.36
C SER A 63 12.30 59.44 7.17
N CYS A 64 13.22 58.97 8.00
CA CYS A 64 14.58 59.47 7.96
C CYS A 64 15.39 58.83 6.83
N GLN A 65 14.75 57.92 6.08
CA GLN A 65 15.37 57.27 4.93
C GLN A 65 16.67 56.58 5.25
N THR A 66 16.89 56.19 6.50
CA THR A 66 18.06 55.36 6.79
C THR A 66 17.73 53.89 6.60
N TRP A 67 18.72 53.12 6.17
CA TRP A 67 18.55 51.70 5.86
C TRP A 67 19.01 50.85 7.04
N TYR A 68 18.35 49.70 7.21
CA TYR A 68 18.67 48.80 8.31
C TYR A 68 18.61 47.36 7.83
N HIS A 69 19.54 46.53 8.31
CA HIS A 69 19.36 45.10 8.24
C HIS A 69 18.09 44.77 9.03
N PHE A 70 17.24 43.91 8.50
CA PHE A 70 16.04 43.51 9.22
C PHE A 70 16.41 43.17 10.65
N LEU A 71 17.39 42.29 10.81
CA LEU A 71 17.86 41.91 12.13
C LEU A 71 18.13 43.14 13.00
N CYS A 72 18.64 44.20 12.39
CA CYS A 72 19.09 45.38 13.13
C CYS A 72 18.00 46.43 13.25
N SER A 73 16.86 46.18 12.62
CA SER A 73 15.82 47.18 12.50
C SER A 73 14.97 47.32 13.75
N GLY A 74 15.09 46.36 14.67
CA GLY A 74 14.24 46.35 15.85
C GLY A 74 13.02 45.49 15.64
N LEU A 75 12.75 45.17 14.38
CA LEU A 75 11.65 44.28 14.02
C LEU A 75 11.96 42.89 14.52
N GLU A 76 10.93 42.14 14.90
CA GLU A 76 11.09 40.72 15.19
C GLU A 76 10.80 39.94 13.92
N GLN A 77 11.33 38.73 13.81
CA GLN A 77 11.19 37.96 12.60
C GLN A 77 9.77 37.94 12.01
N PHE A 78 8.76 37.82 12.86
CA PHE A 78 7.39 37.74 12.34
C PHE A 78 6.91 39.04 11.69
N GLU A 79 7.60 40.16 11.95
CA GLU A 79 7.15 41.44 11.39
C GLU A 79 7.90 41.85 10.14
N TYR A 80 8.94 41.12 9.79
CA TYR A 80 9.75 41.46 8.63
C TYR A 80 8.89 41.79 7.41
N TYR A 81 7.86 40.97 7.16
CA TYR A 81 7.08 41.09 5.94
C TYR A 81 5.82 41.92 6.08
N LEU A 82 5.53 42.39 7.30
CA LEU A 82 4.25 43.02 7.57
C LEU A 82 4.08 44.46 7.04
N TYR A 83 5.14 45.25 7.07
CA TYR A 83 4.98 46.70 6.89
C TYR A 83 5.32 47.22 5.49
N GLU A 84 4.36 47.92 4.90
CA GLU A 84 4.57 48.58 3.62
C GLU A 84 5.36 49.88 3.83
N LYS A 85 5.01 50.60 4.89
CA LYS A 85 5.76 51.77 5.35
C LYS A 85 6.45 51.48 6.68
N PHE A 86 7.77 51.39 6.67
CA PHE A 86 8.50 51.13 7.90
C PHE A 86 9.05 52.41 8.53
N PHE A 87 8.70 52.65 9.79
CA PHE A 87 9.32 53.75 10.54
C PHE A 87 10.25 53.16 11.57
N CYS A 88 11.51 53.57 11.52
CA CYS A 88 12.49 53.03 12.45
C CYS A 88 12.19 53.48 13.90
N PRO A 89 12.85 52.84 14.88
CA PRO A 89 12.58 53.21 16.28
C PRO A 89 12.92 54.67 16.57
N LYS A 90 13.69 55.30 15.68
CA LYS A 90 14.08 56.69 15.86
C LYS A 90 13.06 57.69 15.31
N CYS A 91 12.18 57.21 14.44
CA CYS A 91 11.14 58.09 13.92
C CYS A 91 9.75 57.85 14.51
N VAL A 92 9.52 56.66 15.05
CA VAL A 92 8.21 56.30 15.59
C VAL A 92 7.67 57.38 16.54
N PRO A 93 8.52 57.91 17.43
CA PRO A 93 8.03 58.94 18.37
C PRO A 93 7.28 60.05 17.64
N HIS A 94 7.72 60.43 16.45
CA HIS A 94 7.03 61.49 15.72
C HIS A 94 6.20 61.03 14.52
N THR A 95 6.41 59.80 14.06
CA THR A 95 5.69 59.29 12.89
C THR A 95 4.50 58.44 13.29
N GLY A 96 4.56 57.88 14.49
CA GLY A 96 3.64 56.82 14.88
C GLY A 96 4.16 55.50 14.32
N HIS A 97 3.39 54.44 14.46
CA HIS A 97 3.90 53.10 14.13
C HIS A 97 3.94 52.81 12.64
N SER A 98 4.78 51.86 12.27
CA SER A 98 4.88 51.43 10.89
C SER A 98 3.49 51.10 10.35
N ILE A 99 3.31 51.21 9.04
CA ILE A 99 2.01 50.92 8.44
C ILE A 99 2.03 49.56 7.73
N ARG A 100 1.11 48.69 8.12
CA ARG A 100 1.05 47.36 7.53
C ARG A 100 0.39 47.40 6.17
N TYR A 101 0.74 46.44 5.33
CA TYR A 101 0.11 46.32 4.02
C TYR A 101 -1.38 46.19 4.23
N LYS A 102 -2.15 46.63 3.24
CA LYS A 102 -3.59 46.41 3.24
C LYS A 102 -3.82 44.93 2.94
N VAL A 103 -4.80 44.32 3.61
CA VAL A 103 -5.15 42.94 3.32
C VAL A 103 -5.97 42.91 2.04
N VAL A 104 -5.28 42.81 0.91
CA VAL A 104 -5.92 42.87 -0.39
C VAL A 104 -6.50 41.53 -0.83
N ALA A 105 -5.96 40.44 -0.29
CA ALA A 105 -6.42 39.09 -0.63
C ALA A 105 -6.55 38.15 0.58
N PRO A 106 -7.60 38.35 1.40
CA PRO A 106 -7.82 37.58 2.62
C PRO A 106 -7.85 36.06 2.42
N HIS A 107 -8.01 35.61 1.18
CA HIS A 107 -8.16 34.18 0.93
C HIS A 107 -6.85 33.57 0.44
N ARG A 108 -5.78 34.35 0.50
CA ARG A 108 -4.47 33.89 0.05
C ARG A 108 -3.46 33.97 1.20
N TYR A 109 -2.50 33.06 1.20
CA TYR A 109 -1.43 33.16 2.17
C TYR A 109 -0.73 34.50 1.99
N ARG A 110 -0.37 34.83 0.76
CA ARG A 110 0.17 36.16 0.45
C ARG A 110 -0.99 37.17 0.38
N TRP A 111 -1.59 37.46 1.54
CA TRP A 111 -2.77 38.31 1.65
C TRP A 111 -2.51 39.76 1.29
N TYR A 112 -1.24 40.15 1.26
CA TYR A 112 -0.84 41.51 0.93
C TYR A 112 -0.79 41.76 -0.58
N SER A 113 -0.73 40.69 -1.36
CA SER A 113 -0.50 40.77 -2.82
C SER A 113 -1.76 40.98 -3.66
N PRO A 114 -1.81 42.06 -4.46
CA PRO A 114 -2.94 42.41 -5.33
C PRO A 114 -3.01 41.48 -6.54
N ASN A 115 -1.84 41.06 -7.02
CA ASN A 115 -1.72 40.15 -8.16
C ASN A 115 -2.26 38.76 -7.82
N GLU A 116 -2.70 38.61 -6.59
CA GLU A 116 -3.22 37.33 -6.11
C GLU A 116 -4.69 37.41 -5.72
N LYS A 117 -5.25 38.62 -5.78
CA LYS A 117 -6.64 38.83 -5.38
C LYS A 117 -7.64 37.95 -6.14
N HIS A 118 -7.29 37.59 -7.37
CA HIS A 118 -8.19 36.87 -8.27
C HIS A 118 -8.08 35.35 -8.17
N LEU A 119 -6.97 34.85 -7.63
CA LEU A 119 -6.79 33.42 -7.43
C LEU A 119 -7.77 32.86 -6.39
N GLY A 120 -7.75 31.54 -6.20
CA GLY A 120 -8.75 30.87 -5.39
C GLY A 120 -8.44 30.77 -3.90
N ILE A 121 -9.50 30.57 -3.10
CA ILE A 121 -9.37 30.42 -1.66
C ILE A 121 -8.46 29.28 -1.25
N GLU A 122 -7.39 29.62 -0.52
CA GLU A 122 -6.45 28.62 -0.03
C GLU A 122 -6.85 28.16 1.38
N VAL A 123 -6.60 26.89 1.68
CA VAL A 123 -6.97 26.35 2.99
C VAL A 123 -6.15 27.00 4.09
N GLY A 124 -6.82 27.44 5.15
CA GLY A 124 -6.14 28.07 6.27
C GLY A 124 -6.02 29.59 6.15
N SER A 125 -6.42 30.13 5.01
CA SER A 125 -6.48 31.58 4.85
C SER A 125 -7.60 32.11 5.74
N LYS A 126 -7.61 33.40 6.05
CA LYS A 126 -8.68 33.97 6.89
C LYS A 126 -10.04 33.62 6.30
N THR A 127 -10.24 34.03 5.05
CA THR A 127 -11.42 33.64 4.30
C THR A 127 -11.78 32.17 4.58
N TRP A 128 -10.87 31.26 4.23
CA TRP A 128 -11.19 29.83 4.28
C TRP A 128 -11.55 29.40 5.68
N ILE A 129 -10.93 30.02 6.67
CA ILE A 129 -11.21 29.61 8.04
C ILE A 129 -12.63 29.96 8.44
N GLU A 130 -13.01 31.21 8.23
CA GLU A 130 -14.34 31.68 8.66
C GLU A 130 -15.45 30.94 7.92
N ASP A 131 -15.18 30.56 6.68
CA ASP A 131 -16.12 29.77 5.89
C ASP A 131 -16.15 28.31 6.36
N PHE A 132 -15.05 27.86 6.93
CA PHE A 132 -14.95 26.50 7.47
C PHE A 132 -15.60 26.38 8.84
N ILE A 133 -15.70 27.48 9.57
CA ILE A 133 -16.25 27.48 10.93
C ILE A 133 -17.76 27.29 10.92
N THR A 134 -18.37 27.62 9.81
CA THR A 134 -19.83 27.54 9.70
C THR A 134 -20.24 26.14 9.29
N ARG A 135 -19.34 25.43 8.59
CA ARG A 135 -19.65 24.13 8.01
C ARG A 135 -18.96 22.97 8.73
N GLU A 136 -17.95 23.28 9.55
CA GLU A 136 -17.13 22.25 10.19
C GLU A 136 -17.94 21.25 10.99
N ASN A 137 -18.98 21.74 11.68
CA ASN A 137 -19.73 20.87 12.57
C ASN A 137 -20.67 19.92 11.83
N THR A 138 -20.59 19.92 10.50
CA THR A 138 -21.32 18.93 9.72
C THR A 138 -20.37 17.80 9.35
N VAL A 139 -19.20 17.78 10.00
CA VAL A 139 -18.28 16.66 9.85
C VAL A 139 -18.69 15.52 10.77
N PRO A 140 -18.81 14.30 10.21
CA PRO A 140 -19.32 13.13 10.93
C PRO A 140 -18.52 12.84 12.19
N SER A 141 -19.24 12.52 13.27
CA SER A 141 -18.64 11.97 14.48
C SER A 141 -18.01 10.62 14.14
N PRO A 142 -17.07 10.16 14.96
CA PRO A 142 -16.31 8.95 14.62
C PRO A 142 -17.00 7.70 15.14
N THR A 143 -16.57 6.51 14.69
CA THR A 143 -17.21 5.29 15.16
C THR A 143 -16.59 4.89 16.50
N ASP A 144 -17.19 3.93 17.17
CA ASP A 144 -16.70 3.47 18.45
C ASP A 144 -15.43 2.63 18.28
N ASP A 145 -15.17 2.20 17.05
CA ASP A 145 -13.93 1.49 16.75
C ASP A 145 -12.78 2.49 16.58
N GLU A 146 -13.12 3.75 16.31
CA GLU A 146 -12.13 4.80 16.07
C GLU A 146 -11.80 5.58 17.34
N VAL A 147 -12.83 5.98 18.07
CA VAL A 147 -12.59 6.81 19.23
C VAL A 147 -13.38 6.26 20.40
N CYS A 148 -12.77 6.34 21.58
CA CYS A 148 -13.43 5.92 22.80
C CYS A 148 -13.39 7.09 23.78
N ILE A 149 -14.57 7.55 24.17
CA ILE A 149 -14.70 8.60 25.15
C ILE A 149 -15.00 7.98 26.50
N VAL A 150 -14.20 8.33 27.50
CA VAL A 150 -14.39 7.81 28.85
C VAL A 150 -14.46 8.97 29.83
N GLU A 151 -15.08 8.76 31.00
CA GLU A 151 -15.33 9.83 31.97
C GLU A 151 -14.08 10.26 32.72
N ASP A 152 -13.20 9.31 33.02
CA ASP A 152 -11.99 9.65 33.75
C ASP A 152 -10.86 8.66 33.49
N GLY A 153 -9.72 8.94 34.10
CA GLY A 153 -8.54 8.13 33.91
C GLY A 153 -8.68 6.68 34.33
N TYR A 154 -9.51 6.43 35.37
CA TYR A 154 -9.73 5.08 35.85
C TYR A 154 -10.47 4.23 34.82
N GLU A 155 -11.44 4.85 34.18
CA GLU A 155 -12.18 4.15 33.15
C GLU A 155 -11.28 3.98 31.93
N PHE A 156 -10.45 5.00 31.66
CA PHE A 156 -9.53 4.92 30.54
C PHE A 156 -8.70 3.68 30.70
N ARG A 157 -8.16 3.49 31.90
CA ARG A 157 -7.27 2.37 32.12
C ARG A 157 -7.98 1.04 31.90
N ARG A 158 -9.26 0.97 32.27
CA ARG A 158 -9.97 -0.29 32.14
C ARG A 158 -10.23 -0.61 30.67
N GLU A 159 -10.61 0.41 29.91
CA GLU A 159 -10.97 0.25 28.51
C GLU A 159 -9.72 -0.05 27.69
N PHE A 160 -8.67 0.75 27.92
CA PHE A 160 -7.36 0.55 27.32
C PHE A 160 -6.94 -0.90 27.54
N GLU A 161 -7.11 -1.41 28.75
CA GLU A 161 -6.71 -2.79 29.06
C GLU A 161 -7.60 -3.82 28.35
N LYS A 162 -8.89 -3.56 28.29
CA LYS A 162 -9.81 -4.48 27.61
C LYS A 162 -9.50 -4.63 26.11
N LEU A 163 -8.82 -3.65 25.53
CA LEU A 163 -8.46 -3.70 24.11
C LEU A 163 -7.04 -4.18 23.94
N GLY A 164 -6.43 -4.69 25.01
CA GLY A 164 -5.15 -5.33 24.92
C GLY A 164 -4.01 -4.44 25.32
N GLY A 165 -4.33 -3.26 25.82
CA GLY A 165 -3.32 -2.38 26.38
C GLY A 165 -2.40 -1.79 25.34
N ALA A 166 -1.22 -1.39 25.81
CA ALA A 166 -0.32 -0.58 24.98
C ALA A 166 0.19 -1.34 23.76
N ASP A 167 0.41 -2.63 23.93
CA ASP A 167 0.90 -3.41 22.82
C ASP A 167 -0.12 -3.49 21.70
N ASN A 168 -1.38 -3.21 21.98
CA ASN A 168 -2.37 -3.29 20.93
C ASN A 168 -3.10 -1.99 20.72
N TRP A 169 -2.49 -0.88 21.16
CA TRP A 169 -3.15 0.41 21.18
C TRP A 169 -3.37 0.89 19.78
N GLY A 170 -4.64 1.01 19.39
CA GLY A 170 -4.98 1.37 18.03
C GLY A 170 -6.06 2.43 17.89
N LYS A 171 -6.84 2.68 18.93
CA LYS A 171 -7.88 3.71 18.81
C LYS A 171 -7.56 4.98 19.59
N VAL A 172 -8.23 6.07 19.24
CA VAL A 172 -8.07 7.33 19.93
C VAL A 172 -8.93 7.28 21.19
N PHE A 173 -8.42 7.84 22.29
CA PHE A 173 -9.18 7.94 23.56
C PHE A 173 -9.29 9.39 23.94
N MET A 174 -10.50 9.83 24.30
CA MET A 174 -10.69 11.13 24.90
C MET A 174 -11.13 10.85 26.33
N VAL A 175 -10.43 11.48 27.28
CA VAL A 175 -10.65 11.24 28.70
C VAL A 175 -11.17 12.53 29.33
N LYS A 176 -12.45 12.54 29.71
CA LYS A 176 -13.07 13.80 30.14
C LYS A 176 -12.40 14.41 31.37
N ASP A 177 -12.11 13.57 32.37
CA ASP A 177 -11.53 14.02 33.63
C ASP A 177 -10.20 13.30 33.92
N MET A 178 -9.16 14.04 34.28
CA MET A 178 -7.82 13.46 34.35
C MET A 178 -7.53 12.63 35.57
N ASP A 179 -8.52 12.49 36.44
CA ASP A 179 -8.25 11.73 37.64
C ASP A 179 -8.20 10.22 37.39
N GLY A 180 -7.14 9.58 37.89
CA GLY A 180 -6.92 8.17 37.60
C GLY A 180 -5.92 8.01 36.44
N LEU A 181 -5.69 9.09 35.70
CA LEU A 181 -4.71 9.13 34.62
C LEU A 181 -3.26 9.30 35.11
N ASN A 182 -3.08 9.79 36.32
CA ASN A 182 -1.73 9.92 36.86
C ASN A 182 -0.85 10.75 35.94
N MET A 183 -1.41 11.87 35.50
CA MET A 183 -0.71 12.81 34.66
C MET A 183 -0.54 14.13 35.41
N THR A 184 0.69 14.51 35.72
CA THR A 184 0.87 15.76 36.45
C THR A 184 0.62 16.98 35.55
N MET A 185 -0.40 17.78 35.87
CA MET A 185 -0.61 19.04 35.16
C MET A 185 -0.77 20.18 36.15
N PRO A 186 -0.56 21.43 35.70
CA PRO A 186 -0.75 22.60 36.56
C PRO A 186 -2.21 22.72 36.97
N LYS A 187 -2.48 23.44 38.06
CA LYS A 187 -3.86 23.68 38.48
C LYS A 187 -4.44 24.68 37.52
N PRO A 188 -5.76 24.59 37.26
CA PRO A 188 -6.37 25.51 36.30
C PRO A 188 -6.23 26.95 36.78
N GLY A 189 -6.15 27.89 35.84
CA GLY A 189 -5.87 29.27 36.18
C GLY A 189 -4.43 29.58 35.85
N PHE A 190 -3.58 28.55 35.87
CA PHE A 190 -2.24 28.65 35.33
C PHE A 190 -2.42 29.13 33.91
N ASP A 191 -1.61 30.09 33.48
CA ASP A 191 -1.83 30.74 32.19
C ASP A 191 -0.53 31.24 31.60
N LEU A 192 -0.67 31.99 30.52
CA LEU A 192 0.47 32.46 29.75
C LEU A 192 1.46 33.23 30.59
N GLU A 193 0.94 34.07 31.50
CA GLU A 193 1.80 34.89 32.32
C GLU A 193 2.70 34.00 33.13
N ASP A 194 2.11 32.94 33.68
CA ASP A 194 2.90 31.96 34.41
C ASP A 194 3.98 31.35 33.54
N VAL A 195 3.64 31.10 32.28
CA VAL A 195 4.61 30.56 31.34
C VAL A 195 5.73 31.55 31.08
N VAL A 196 5.40 32.80 30.79
CA VAL A 196 6.48 33.75 30.49
C VAL A 196 7.30 34.04 31.74
N LYS A 197 6.65 33.92 32.91
CA LYS A 197 7.37 34.05 34.16
C LYS A 197 8.45 32.98 34.22
N ILE A 198 8.04 31.74 33.98
CA ILE A 198 8.94 30.60 34.13
C ILE A 198 10.01 30.57 33.06
N MET A 199 9.57 30.59 31.79
CA MET A 199 10.49 30.47 30.65
C MET A 199 11.30 31.74 30.46
N GLY A 200 10.71 32.86 30.84
CA GLY A 200 11.38 34.14 30.68
C GLY A 200 10.74 34.97 29.59
N SER A 201 10.69 36.27 29.81
CA SER A 201 10.02 37.19 28.89
C SER A 201 10.71 37.31 27.54
N ASP A 202 11.98 36.91 27.47
CA ASP A 202 12.74 37.05 26.23
C ASP A 202 12.86 35.75 25.43
N TYR A 203 12.34 34.67 25.99
CA TYR A 203 12.37 33.36 25.34
C TYR A 203 11.80 33.42 23.94
N GLU A 204 12.50 32.84 22.97
CA GLU A 204 12.01 32.83 21.60
C GLU A 204 11.22 31.58 21.27
N VAL A 205 9.95 31.76 20.92
CA VAL A 205 9.14 30.64 20.46
C VAL A 205 8.84 30.72 18.98
N ASP A 206 8.95 29.56 18.31
CA ASP A 206 8.46 29.44 16.96
C ASP A 206 6.94 29.49 16.93
N THR A 207 6.43 30.48 16.20
CA THR A 207 5.01 30.77 16.16
C THR A 207 4.48 30.65 14.75
N ILE A 208 3.29 30.09 14.60
CA ILE A 208 2.66 30.01 13.31
C ILE A 208 1.84 31.26 13.06
N ASP A 209 2.25 32.04 12.09
CA ASP A 209 1.40 33.06 11.50
C ASP A 209 0.36 32.26 10.71
N VAL A 210 -0.82 32.09 11.29
CA VAL A 210 -1.85 31.17 10.79
C VAL A 210 -2.36 31.52 9.40
N TYR A 211 -2.72 32.78 9.22
CA TYR A 211 -3.21 33.22 7.92
C TYR A 211 -2.16 33.12 6.82
N ASN A 212 -0.88 33.20 7.20
CA ASN A 212 0.21 33.18 6.24
C ASN A 212 0.77 31.77 6.14
N GLN A 213 0.23 30.85 6.95
CA GLN A 213 0.65 29.45 6.99
C GLN A 213 2.16 29.31 6.88
N SER A 214 2.86 30.13 7.66
CA SER A 214 4.30 30.08 7.79
C SER A 214 4.70 30.29 9.25
N THR A 215 5.95 29.95 9.57
CA THR A 215 6.44 29.96 10.95
C THR A 215 7.52 31.01 11.13
N TYR A 216 7.40 31.82 12.17
CA TYR A 216 8.35 32.89 12.46
C TYR A 216 8.66 32.87 13.95
N SER A 217 9.86 33.32 14.32
CA SER A 217 10.18 33.43 15.74
C SER A 217 9.64 34.71 16.34
N MET A 218 9.25 34.62 17.60
CA MET A 218 8.60 35.70 18.30
C MET A 218 8.96 35.58 19.78
N LYS A 219 9.24 36.69 20.42
CA LYS A 219 9.49 36.68 21.84
C LYS A 219 8.20 36.18 22.51
N LEU A 220 8.36 35.35 23.53
CA LEU A 220 7.21 34.86 24.30
C LEU A 220 6.40 36.02 24.91
N ASP A 221 7.08 37.08 25.32
CA ASP A 221 6.40 38.24 25.86
C ASP A 221 5.60 38.98 24.78
N THR A 222 6.13 39.00 23.56
CA THR A 222 5.41 39.62 22.46
C THR A 222 4.17 38.79 22.13
N PHE A 223 4.31 37.47 22.15
CA PHE A 223 3.14 36.62 21.94
C PHE A 223 2.12 36.93 23.04
N ARG A 224 2.61 37.02 24.27
CA ARG A 224 1.75 37.34 25.40
C ARG A 224 0.88 38.56 25.08
N LYS A 225 1.56 39.66 24.77
CA LYS A 225 0.92 40.91 24.38
C LYS A 225 -0.15 40.68 23.30
N LEU A 226 0.25 40.09 22.17
CA LEU A 226 -0.69 39.81 21.09
C LEU A 226 -1.89 39.02 21.58
N PHE A 227 -1.62 38.02 22.41
CA PHE A 227 -2.66 37.15 22.98
C PHE A 227 -3.63 37.94 23.88
N ARG A 228 -3.09 38.82 24.72
CA ARG A 228 -3.96 39.54 25.65
C ARG A 228 -4.80 40.59 24.94
N ASP A 229 -4.35 41.06 23.78
CA ASP A 229 -5.15 42.00 22.98
C ASP A 229 -6.22 41.24 22.21
N THR A 230 -7.36 41.03 22.85
CA THR A 230 -8.46 40.23 22.30
C THR A 230 -9.24 40.99 21.23
N LYS A 231 -9.09 42.31 21.21
CA LYS A 231 -9.85 43.16 20.30
C LYS A 231 -9.24 43.28 18.90
N ASN A 232 -7.92 43.48 18.84
CA ASN A 232 -7.26 43.65 17.56
C ASN A 232 -6.43 42.43 17.17
N ARG A 233 -6.85 41.74 16.11
CA ARG A 233 -6.17 40.55 15.67
C ARG A 233 -6.15 40.45 14.16
N PRO A 234 -5.42 41.37 13.52
CA PRO A 234 -5.23 41.31 12.07
C PRO A 234 -4.73 39.93 11.67
N LEU A 235 -3.72 39.44 12.37
CA LEU A 235 -3.25 38.07 12.15
C LEU A 235 -3.44 37.23 13.40
N LEU A 236 -3.64 35.93 13.21
CA LEU A 236 -3.76 35.01 14.32
C LEU A 236 -2.44 34.30 14.52
N TYR A 237 -2.01 34.18 15.77
CA TYR A 237 -0.79 33.46 16.06
C TYR A 237 -1.04 32.27 16.97
N ASN A 238 -0.28 31.21 16.77
CA ASN A 238 -0.53 29.96 17.46
C ASN A 238 0.83 29.31 17.52
N PHE A 239 1.34 29.03 18.72
CA PHE A 239 2.70 28.52 18.71
C PHE A 239 2.95 27.03 18.60
N LEU A 240 3.91 26.72 17.73
CA LEU A 240 4.32 25.37 17.39
C LEU A 240 4.50 24.54 18.64
N SER A 241 5.72 24.59 19.14
CA SER A 241 6.09 23.73 20.23
C SER A 241 7.16 24.33 21.09
N LEU A 242 6.71 24.93 22.16
CA LEU A 242 7.55 25.37 23.24
C LEU A 242 7.80 24.09 24.04
N GLU A 243 8.97 23.50 23.84
CA GLU A 243 9.37 22.27 24.52
C GLU A 243 10.19 22.68 25.73
N PHE A 244 9.71 22.29 26.91
CA PHE A 244 10.24 22.78 28.19
C PHE A 244 10.90 21.70 29.06
N SER A 245 11.24 20.55 28.47
CA SER A 245 11.83 19.45 29.23
C SER A 245 13.16 19.80 29.90
N ASP A 246 13.79 20.88 29.45
CA ASP A 246 15.09 21.26 29.98
C ASP A 246 15.02 22.49 30.88
N ASN A 247 13.80 22.99 31.10
CA ASN A 247 13.54 24.01 32.09
C ASN A 247 13.20 23.34 33.41
N ASN A 248 14.08 23.48 34.40
CA ASN A 248 13.97 22.70 35.64
C ASN A 248 12.65 22.88 36.39
N GLU A 249 12.07 24.07 36.28
CA GLU A 249 10.79 24.32 36.93
C GLU A 249 9.60 23.80 36.11
N MET A 250 9.59 24.21 34.85
CA MET A 250 8.55 23.77 33.92
C MET A 250 8.42 22.26 33.92
N LYS A 251 9.54 21.55 33.87
CA LYS A 251 9.49 20.10 33.64
C LYS A 251 8.80 19.36 34.77
N GLU A 252 8.63 20.01 35.92
CA GLU A 252 7.88 19.37 36.99
C GLU A 252 6.40 19.74 36.96
N ILE A 253 6.08 20.81 36.25
CA ILE A 253 4.71 21.32 36.25
C ILE A 253 3.75 20.47 35.41
N ALA A 254 4.25 19.98 34.28
CA ALA A 254 3.39 19.33 33.30
C ALA A 254 4.11 18.13 32.70
N LYS A 255 3.54 16.94 32.89
CA LYS A 255 4.21 15.70 32.52
C LYS A 255 3.27 14.74 31.79
N PRO A 256 3.83 13.73 31.14
CA PRO A 256 3.01 12.74 30.42
C PRO A 256 2.28 11.86 31.43
N PRO A 257 1.09 11.38 31.09
CA PRO A 257 0.54 10.33 31.96
C PRO A 257 1.60 9.29 32.27
N ARG A 258 1.61 8.80 33.49
CA ARG A 258 2.54 7.73 33.85
C ARG A 258 2.60 6.58 32.79
N PHE A 259 1.47 6.15 32.27
CA PHE A 259 1.50 5.00 31.35
C PHE A 259 2.33 5.32 30.10
N VAL A 260 2.26 6.58 29.65
CA VAL A 260 3.11 7.09 28.60
C VAL A 260 4.58 7.01 28.98
N GLN A 261 4.93 7.43 30.19
CA GLN A 261 6.32 7.39 30.64
C GLN A 261 6.82 5.95 30.66
N GLU A 262 5.93 5.02 30.95
CA GLU A 262 6.30 3.62 31.07
C GLU A 262 6.53 2.99 29.70
N ILE A 263 5.93 3.54 28.64
CA ILE A 263 6.10 2.93 27.30
C ILE A 263 6.92 3.79 26.33
N SER A 264 7.27 5.00 26.76
CA SER A 264 8.08 5.87 25.92
C SER A 264 9.48 5.32 25.61
N MET A 265 9.76 5.04 24.34
CA MET A 265 11.09 4.59 23.96
C MET A 265 12.21 5.57 24.35
N VAL A 266 12.01 6.87 24.11
CA VAL A 266 13.01 7.85 24.50
C VAL A 266 13.26 7.86 26.03
N ASN A 267 12.20 7.83 26.81
CA ASN A 267 12.33 7.83 28.28
C ASN A 267 13.07 6.58 28.71
N ARG A 268 12.83 5.47 28.02
CA ARG A 268 13.53 4.22 28.32
C ARG A 268 15.06 4.31 28.14
N LEU A 269 15.49 5.05 27.13
CA LEU A 269 16.91 5.17 26.80
C LEU A 269 17.63 6.29 27.51
N TRP A 270 16.89 7.36 27.81
CA TRP A 270 17.40 8.54 28.49
C TRP A 270 16.53 8.81 29.73
N PRO A 271 16.69 8.00 30.78
CA PRO A 271 15.91 8.15 32.03
C PRO A 271 16.21 9.47 32.76
N ASP A 272 15.18 10.05 33.38
CA ASP A 272 15.31 11.35 34.05
C ASP A 272 16.63 11.51 34.81
N VAL A 273 17.51 12.36 34.27
CA VAL A 273 18.78 12.67 34.91
C VAL A 273 18.86 14.16 35.25
N TYR A 287 24.61 7.39 30.52
CA TYR A 287 24.79 6.74 29.22
C TYR A 287 23.93 7.42 28.13
N LEU A 288 24.47 7.51 26.92
CA LEU A 288 23.78 8.23 25.84
C LEU A 288 23.70 9.72 26.15
N PRO A 289 24.40 10.53 25.35
CA PRO A 289 24.54 11.98 25.51
C PRO A 289 23.20 12.68 25.48
N GLU A 290 22.99 13.62 26.41
CA GLU A 290 21.75 14.38 26.45
C GLU A 290 21.55 15.17 25.17
N ASP A 291 22.64 15.50 24.48
CA ASP A 291 22.51 16.27 23.24
C ASP A 291 22.01 15.41 22.07
N GLN A 292 21.85 14.12 22.32
CA GLN A 292 21.25 13.24 21.32
C GLN A 292 19.84 12.79 21.68
N ARG A 293 19.31 13.28 22.80
CA ARG A 293 17.96 12.91 23.19
C ARG A 293 16.94 13.60 22.30
N PRO A 294 16.07 12.82 21.64
CA PRO A 294 15.01 13.57 20.95
C PRO A 294 14.15 14.29 21.99
N LYS A 295 13.83 15.55 21.74
CA LYS A 295 13.21 16.40 22.76
C LYS A 295 11.81 16.79 22.33
N VAL A 296 10.85 15.91 22.54
CA VAL A 296 9.52 16.17 22.02
C VAL A 296 8.42 15.68 22.94
N GLU A 297 8.79 15.25 24.13
CA GLU A 297 7.80 14.65 25.02
C GLU A 297 7.08 15.64 25.95
N GLN A 298 7.53 16.89 26.03
CA GLN A 298 6.87 17.89 26.88
C GLN A 298 6.74 19.24 26.16
N PHE A 299 5.61 19.48 25.52
CA PHE A 299 5.43 20.76 24.82
C PHE A 299 4.33 21.59 25.44
N CYS A 300 4.40 22.89 25.22
CA CYS A 300 3.32 23.76 25.63
C CYS A 300 2.81 24.39 24.36
N LEU A 301 1.50 24.49 24.20
CA LEU A 301 0.94 25.11 22.99
C LEU A 301 -0.08 26.14 23.37
N ALA A 302 -0.03 27.28 22.71
CA ALA A 302 -0.98 28.35 22.95
C ALA A 302 -1.48 28.81 21.61
N GLY A 303 -2.78 29.04 21.51
CA GLY A 303 -3.40 29.37 20.23
C GLY A 303 -4.57 30.32 20.32
N MET A 304 -4.69 31.17 19.32
CA MET A 304 -5.77 32.14 19.28
C MET A 304 -7.02 31.54 18.66
N ALA A 305 -8.16 32.12 18.98
CA ALA A 305 -9.43 31.65 18.45
C ALA A 305 -9.46 31.81 16.94
N GLY A 306 -9.88 30.77 16.24
CA GLY A 306 -9.89 30.80 14.79
C GLY A 306 -8.56 30.34 14.23
N SER A 307 -7.77 29.66 15.07
CA SER A 307 -6.53 29.04 14.61
C SER A 307 -6.83 27.70 13.94
N TYR A 308 -6.15 27.42 12.82
CA TYR A 308 -6.27 26.16 12.09
C TYR A 308 -4.90 25.55 11.81
N THR A 309 -4.73 24.29 12.19
CA THR A 309 -3.58 23.52 11.77
C THR A 309 -4.05 22.45 10.79
N ASP A 310 -3.43 22.40 9.60
CA ASP A 310 -3.89 21.54 8.52
C ASP A 310 -3.43 20.09 8.72
N PHE A 311 -4.07 19.16 8.01
CA PHE A 311 -3.83 17.73 8.15
C PHE A 311 -2.37 17.34 8.14
N HIS A 312 -2.00 16.43 9.06
CA HIS A 312 -0.65 15.89 9.08
C HIS A 312 -0.64 14.60 9.88
N VAL A 313 0.50 13.92 9.84
CA VAL A 313 0.71 12.79 10.72
C VAL A 313 1.92 13.19 11.55
N ASP A 314 1.86 12.95 12.86
CA ASP A 314 2.90 13.41 13.76
C ASP A 314 4.20 12.75 13.38
N PHE A 315 5.29 13.51 13.42
CA PHE A 315 6.60 13.01 12.98
C PHE A 315 6.96 11.68 13.62
N GLY A 316 7.53 10.80 12.80
CA GLY A 316 7.98 9.49 13.23
C GLY A 316 6.83 8.55 13.47
N GLY A 317 5.62 8.91 13.04
CA GLY A 317 4.45 8.14 13.42
C GLY A 317 4.29 8.09 14.94
N SER A 318 4.69 9.16 15.61
CA SER A 318 4.67 9.18 17.06
C SER A 318 3.24 9.35 17.57
N SER A 319 2.97 8.79 18.73
CA SER A 319 1.70 8.96 19.44
C SER A 319 1.76 10.24 20.29
N VAL A 320 0.60 10.71 20.77
CA VAL A 320 0.51 11.96 21.51
C VAL A 320 -0.47 11.94 22.66
N TYR A 321 -0.11 12.69 23.68
CA TYR A 321 -1.02 13.03 24.75
C TYR A 321 -1.23 14.52 24.66
N TYR A 322 -2.39 14.96 25.08
CA TYR A 322 -2.78 16.32 24.83
C TYR A 322 -3.87 16.72 25.83
N HIS A 323 -3.49 17.58 26.80
CA HIS A 323 -4.42 18.08 27.82
C HIS A 323 -4.78 19.55 27.61
N ILE A 324 -6.07 19.84 27.48
CA ILE A 324 -6.52 21.22 27.31
C ILE A 324 -6.63 21.93 28.66
N LEU A 325 -5.62 22.69 29.04
CA LEU A 325 -5.66 23.37 30.31
C LEU A 325 -6.66 24.53 30.22
N LYS A 326 -6.68 25.20 29.09
CA LYS A 326 -7.62 26.29 28.86
C LYS A 326 -8.07 26.34 27.41
N GLY A 327 -9.37 26.44 27.18
CA GLY A 327 -9.88 26.57 25.82
C GLY A 327 -10.56 25.36 25.22
N GLU A 328 -10.32 25.10 23.95
CA GLU A 328 -11.07 24.07 23.24
C GLU A 328 -10.38 23.76 21.93
N LYS A 329 -10.38 22.49 21.54
CA LYS A 329 -9.84 22.09 20.25
C LYS A 329 -10.84 21.19 19.57
N ILE A 330 -10.89 21.27 18.24
CA ILE A 330 -11.64 20.29 17.49
C ILE A 330 -10.67 19.58 16.57
N PHE A 331 -10.49 18.29 16.81
CA PHE A 331 -9.68 17.49 15.90
C PHE A 331 -10.53 16.88 14.79
N TYR A 332 -9.97 16.92 13.59
CA TYR A 332 -10.51 16.23 12.42
C TYR A 332 -9.52 15.12 12.06
N ILE A 333 -9.96 13.88 12.24
CA ILE A 333 -9.05 12.75 12.24
C ILE A 333 -9.45 11.63 11.29
N ALA A 334 -8.47 10.84 10.85
CA ALA A 334 -8.71 9.71 9.98
C ALA A 334 -7.80 8.54 10.30
N ALA A 335 -8.34 7.32 10.28
CA ALA A 335 -7.58 6.14 10.64
C ALA A 335 -6.38 5.93 9.72
N PRO A 336 -5.30 5.33 10.25
CA PRO A 336 -4.08 5.07 9.48
C PRO A 336 -4.17 3.85 8.57
N THR A 337 -5.21 3.76 7.76
CA THR A 337 -5.31 2.66 6.78
C THR A 337 -4.35 2.93 5.63
N GLU A 338 -3.93 1.87 4.94
CA GLU A 338 -3.07 2.03 3.75
C GLU A 338 -3.69 3.00 2.77
N GLN A 339 -5.01 2.93 2.63
CA GLN A 339 -5.70 3.75 1.65
C GLN A 339 -5.68 5.23 2.04
N ASN A 340 -6.03 5.54 3.29
CA ASN A 340 -5.94 6.92 3.77
C ASN A 340 -4.53 7.49 3.70
N PHE A 341 -3.52 6.69 3.96
CA PHE A 341 -2.16 7.12 3.73
C PHE A 341 -1.90 7.45 2.24
N ALA A 342 -2.38 6.59 1.33
CA ALA A 342 -2.23 6.86 -0.10
C ALA A 342 -2.92 8.17 -0.43
N ALA A 343 -4.17 8.29 -0.01
CA ALA A 343 -4.91 9.51 -0.26
C ALA A 343 -4.14 10.69 0.29
N TYR A 344 -3.82 10.62 1.58
CA TYR A 344 -3.14 11.74 2.21
C TYR A 344 -1.82 12.03 1.52
N GLN A 345 -1.07 10.98 1.15
CA GLN A 345 0.20 11.15 0.46
C GLN A 345 0.06 11.96 -0.83
N ALA A 346 -1.06 11.80 -1.52
CA ALA A 346 -1.20 12.49 -2.79
C ALA A 346 -1.67 13.91 -2.54
N HIS A 347 -2.33 14.11 -1.41
CA HIS A 347 -2.83 15.44 -1.08
C HIS A 347 -1.68 16.38 -0.73
N GLU A 348 -0.60 15.80 -0.23
CA GLU A 348 0.52 16.58 0.29
C GLU A 348 1.53 16.92 -0.79
N THR A 349 1.63 16.04 -1.77
CA THR A 349 2.56 16.26 -2.87
C THR A 349 1.82 16.94 -4.02
N SER A 350 0.51 17.06 -3.87
CA SER A 350 -0.28 17.85 -4.80
C SER A 350 0.06 19.32 -4.60
N PRO A 351 0.30 20.04 -5.70
CA PRO A 351 0.61 21.47 -5.71
C PRO A 351 -0.58 22.27 -5.28
N ASP A 352 -1.75 21.66 -5.42
CA ASP A 352 -3.01 22.27 -5.04
C ASP A 352 -2.98 22.70 -3.58
N THR A 353 -3.78 23.71 -3.26
CA THR A 353 -3.62 24.46 -2.06
C THR A 353 -5.00 24.94 -1.61
N THR A 354 -6.02 24.52 -2.36
CA THR A 354 -7.36 25.06 -2.19
C THR A 354 -8.36 23.98 -1.82
N THR A 355 -7.90 22.73 -1.81
CA THR A 355 -8.76 21.61 -1.45
C THR A 355 -8.54 21.14 -0.02
N TRP A 356 -9.62 21.02 0.73
CA TRP A 356 -9.59 20.48 2.10
C TRP A 356 -9.50 18.94 2.07
N PHE A 357 -8.46 18.38 2.66
CA PHE A 357 -8.27 16.94 2.54
C PHE A 357 -9.50 16.15 2.93
N GLY A 358 -10.21 16.60 3.95
CA GLY A 358 -11.43 15.94 4.36
C GLY A 358 -12.41 15.77 3.22
N ASP A 359 -12.35 16.66 2.25
CA ASP A 359 -13.38 16.69 1.20
C ASP A 359 -13.14 15.72 0.06
N ILE A 360 -11.90 15.25 -0.06
CA ILE A 360 -11.53 14.30 -1.09
C ILE A 360 -11.05 13.01 -0.48
N ALA A 361 -11.48 12.75 0.76
CA ALA A 361 -11.00 11.61 1.53
C ALA A 361 -12.04 10.51 1.65
N ASN A 362 -13.02 10.52 0.75
CA ASN A 362 -14.03 9.46 0.75
C ASN A 362 -14.66 9.25 2.13
N GLY A 363 -14.83 10.32 2.90
CA GLY A 363 -15.58 10.24 4.15
C GLY A 363 -14.84 9.65 5.36
N ALA A 364 -13.54 9.42 5.21
CA ALA A 364 -12.76 8.90 6.32
C ALA A 364 -12.53 9.90 7.48
N VAL A 365 -12.80 11.17 7.25
CA VAL A 365 -12.50 12.21 8.23
C VAL A 365 -13.62 12.44 9.23
N LYS A 366 -13.29 12.29 10.52
CA LYS A 366 -14.24 12.42 11.62
C LYS A 366 -13.91 13.59 12.56
N ARG A 367 -14.95 14.09 13.21
CA ARG A 367 -14.82 15.26 14.09
C ARG A 367 -14.83 14.87 15.56
N VAL A 368 -13.91 15.43 16.33
CA VAL A 368 -13.90 15.25 17.77
C VAL A 368 -13.59 16.55 18.49
N VAL A 369 -14.48 16.92 19.40
CA VAL A 369 -14.32 18.14 20.17
C VAL A 369 -13.70 17.78 21.51
N ILE A 370 -12.58 18.42 21.85
CA ILE A 370 -11.92 18.23 23.14
C ILE A 370 -12.06 19.54 23.91
N LYS A 371 -12.73 19.48 25.06
CA LYS A 371 -13.03 20.70 25.81
C LYS A 371 -12.03 20.93 26.93
N GLU A 372 -12.16 22.07 27.61
CA GLU A 372 -11.22 22.40 28.67
C GLU A 372 -11.26 21.36 29.79
N GLY A 373 -10.09 21.02 30.35
CA GLY A 373 -10.02 19.98 31.36
C GLY A 373 -9.93 18.58 30.77
N GLN A 374 -10.17 18.46 29.48
CA GLN A 374 -10.22 17.13 28.86
C GLN A 374 -8.88 16.78 28.18
N THR A 375 -8.68 15.50 27.89
CA THR A 375 -7.36 14.99 27.52
C THR A 375 -7.52 14.05 26.33
N LEU A 376 -6.64 14.20 25.34
CA LEU A 376 -6.70 13.37 24.13
C LEU A 376 -5.47 12.46 24.01
N LEU A 377 -5.70 11.19 23.71
CA LEU A 377 -4.61 10.25 23.59
C LEU A 377 -4.71 9.63 22.18
N ILE A 378 -3.71 9.95 21.34
CA ILE A 378 -3.68 9.52 19.95
C ILE A 378 -2.49 8.63 19.72
N PRO A 379 -2.73 7.41 19.23
CA PRO A 379 -1.69 6.43 18.92
C PRO A 379 -1.17 6.66 17.48
N ALA A 380 -0.24 5.80 17.05
CA ALA A 380 0.55 6.06 15.84
C ALA A 380 -0.31 6.19 14.60
N GLY A 381 0.05 7.15 13.76
CA GLY A 381 -0.36 7.17 12.38
C GLY A 381 -1.62 7.95 12.09
N TRP A 382 -2.39 8.28 13.12
CA TRP A 382 -3.63 9.00 12.87
C TRP A 382 -3.40 10.33 12.16
N ILE A 383 -4.15 10.53 11.08
CA ILE A 383 -4.08 11.74 10.29
C ILE A 383 -5.02 12.71 10.93
N HIS A 384 -4.59 13.95 11.14
CA HIS A 384 -5.43 14.92 11.86
C HIS A 384 -5.16 16.38 11.54
N ALA A 385 -6.26 17.14 11.49
CA ALA A 385 -6.19 18.59 11.42
C ALA A 385 -6.83 19.14 12.70
N VAL A 386 -6.51 20.37 13.06
CA VAL A 386 -7.02 20.93 14.30
C VAL A 386 -7.51 22.37 14.19
N LEU A 387 -8.75 22.59 14.61
CA LEU A 387 -9.31 23.92 14.68
C LEU A 387 -9.40 24.38 16.14
N THR A 388 -8.97 25.61 16.40
CA THR A 388 -8.98 26.17 17.76
C THR A 388 -10.03 27.26 17.85
N PRO A 389 -11.26 26.91 18.25
CA PRO A 389 -12.39 27.83 18.17
C PRO A 389 -12.26 28.97 19.14
N VAL A 390 -11.37 28.79 20.12
CA VAL A 390 -11.36 29.61 21.32
C VAL A 390 -9.93 29.77 21.82
N ASP A 391 -9.58 30.95 22.33
CA ASP A 391 -8.22 31.15 22.86
C ASP A 391 -7.85 29.97 23.76
N SER A 392 -6.69 29.38 23.56
CA SER A 392 -6.39 28.11 24.22
C SER A 392 -4.97 27.95 24.74
N LEU A 393 -4.82 27.15 25.78
CA LEU A 393 -3.52 26.83 26.35
C LEU A 393 -3.49 25.33 26.59
N VAL A 394 -2.50 24.65 26.04
CA VAL A 394 -2.51 23.20 26.03
C VAL A 394 -1.16 22.68 26.46
N PHE A 395 -1.14 21.55 27.16
CA PHE A 395 0.11 20.82 27.39
C PHE A 395 0.03 19.43 26.76
N GLY A 396 1.11 19.03 26.11
CA GLY A 396 1.11 17.82 25.32
C GLY A 396 2.50 17.28 25.08
N GLY A 397 2.59 16.17 24.35
CA GLY A 397 3.89 15.57 24.06
C GLY A 397 3.81 14.44 23.06
N ASN A 398 4.91 14.23 22.33
CA ASN A 398 5.00 13.13 21.39
C ASN A 398 5.91 12.02 21.92
N PHE A 399 5.54 10.78 21.61
CA PHE A 399 6.39 9.67 21.99
C PHE A 399 6.34 8.49 21.04
N LEU A 400 7.38 7.67 21.09
CA LEU A 400 7.44 6.44 20.29
C LEU A 400 7.29 5.28 21.26
N HIS A 401 6.59 4.23 20.85
CA HIS A 401 6.50 3.10 21.74
C HIS A 401 6.40 1.82 20.95
N LEU A 402 6.93 0.76 21.55
CA LEU A 402 7.16 -0.50 20.90
C LEU A 402 5.83 -1.11 20.40
N GLY A 403 4.73 -0.86 21.11
CA GLY A 403 3.44 -1.38 20.69
C GLY A 403 2.92 -0.85 19.36
N ASN A 404 3.53 0.21 18.84
CA ASN A 404 3.12 0.81 17.56
C ASN A 404 4.30 0.84 16.60
N LEU A 405 5.24 -0.06 16.86
CA LEU A 405 6.49 -0.08 16.15
C LEU A 405 6.25 -0.21 14.63
N GLU A 406 5.34 -1.08 14.26
CA GLU A 406 5.02 -1.30 12.86
C GLU A 406 4.46 -0.05 12.20
N MET A 407 3.52 0.61 12.87
CA MET A 407 2.89 1.82 12.33
C MET A 407 3.89 2.97 12.28
N GLN A 408 4.78 3.03 13.28
CA GLN A 408 5.79 4.09 13.31
C GLN A 408 6.67 3.94 12.04
N MET A 409 7.13 2.73 11.75
CA MET A 409 7.92 2.50 10.54
C MET A 409 7.12 2.91 9.28
N ARG A 410 5.88 2.46 9.19
CA ARG A 410 5.01 2.82 8.08
C ARG A 410 4.99 4.33 7.84
N VAL A 411 4.71 5.09 8.90
CA VAL A 411 4.67 6.54 8.79
C VAL A 411 6.02 7.07 8.35
N TYR A 412 7.07 6.51 8.93
CA TYR A 412 8.40 6.90 8.56
C TYR A 412 8.56 6.73 7.04
N HIS A 413 8.08 5.60 6.51
CA HIS A 413 8.24 5.34 5.05
C HIS A 413 7.46 6.39 4.26
N LEU A 414 6.24 6.67 4.71
CA LEU A 414 5.42 7.74 4.14
C LEU A 414 6.16 9.08 4.07
N GLU A 415 6.76 9.49 5.19
CA GLU A 415 7.51 10.75 5.23
C GLU A 415 8.64 10.78 4.21
N ASN A 416 9.40 9.69 4.16
CA ASN A 416 10.51 9.59 3.25
C ASN A 416 10.03 9.74 1.81
N ALA A 417 8.89 9.13 1.51
CA ALA A 417 8.30 9.19 0.17
C ALA A 417 7.87 10.60 -0.18
N ILE A 418 7.24 11.28 0.78
CA ILE A 418 6.72 12.63 0.52
C ILE A 418 7.87 13.59 0.34
N ARG A 419 8.90 13.43 1.16
CA ARG A 419 10.11 14.24 1.07
C ARG A 419 10.73 14.17 -0.33
N LYS A 420 10.89 12.96 -0.86
CA LYS A 420 11.48 12.78 -2.17
C LYS A 420 10.66 13.53 -3.22
N GLU A 421 9.34 13.56 -3.01
CA GLU A 421 8.43 14.08 -4.02
C GLU A 421 8.36 15.60 -4.06
N ILE A 422 8.43 16.23 -2.89
CA ILE A 422 8.36 17.68 -2.84
C ILE A 422 9.45 18.27 -1.96
N ARG A 423 10.22 19.20 -2.52
CA ARG A 423 11.25 19.88 -1.74
C ARG A 423 10.61 20.98 -0.93
N SER A 424 9.95 20.58 0.15
CA SER A 424 9.39 21.52 1.13
C SER A 424 9.98 21.22 2.50
N GLU A 425 11.31 21.24 2.57
CA GLU A 425 12.00 20.86 3.80
C GLU A 425 12.00 21.96 4.86
N GLU A 426 10.87 22.65 4.97
CA GLU A 426 10.58 23.45 6.15
C GLU A 426 10.10 22.47 7.21
N LYS A 427 9.73 21.27 6.74
CA LYS A 427 9.15 20.23 7.59
C LYS A 427 10.08 19.78 8.72
N PHE A 428 9.48 19.29 9.79
CA PHE A 428 10.25 18.76 10.90
C PHE A 428 9.95 17.27 11.01
N TYR A 429 10.99 16.45 11.15
CA TYR A 429 10.84 15.01 11.29
C TYR A 429 11.41 14.57 12.62
N PHE A 430 11.07 13.36 13.05
CA PHE A 430 11.48 12.90 14.38
C PHE A 430 13.00 12.92 14.56
N PRO A 431 13.49 13.77 15.48
CA PRO A 431 14.91 13.94 15.76
C PRO A 431 15.61 12.61 16.03
N ASN A 432 16.71 12.33 15.35
CA ASN A 432 17.46 11.10 15.58
C ASN A 432 16.62 9.81 15.55
N PHE A 433 15.69 9.73 14.59
CA PHE A 433 14.84 8.55 14.47
C PHE A 433 15.66 7.26 14.48
N GLU A 434 16.51 7.07 13.48
CA GLU A 434 17.25 5.81 13.36
C GLU A 434 18.20 5.59 14.53
N LEU A 435 18.90 6.64 14.95
CA LEU A 435 19.81 6.50 16.07
C LEU A 435 19.09 5.95 17.31
N LEU A 436 17.93 6.53 17.59
CA LEU A 436 17.05 6.01 18.63
C LEU A 436 16.93 4.49 18.53
N HIS A 437 16.62 4.00 17.35
CA HIS A 437 16.41 2.58 17.15
C HIS A 437 17.69 1.75 17.35
N TRP A 438 18.83 2.26 16.91
CA TRP A 438 20.09 1.56 17.11
C TRP A 438 20.38 1.41 18.60
N MET A 439 20.20 2.50 19.33
CA MET A 439 20.39 2.46 20.76
C MET A 439 19.40 1.51 21.40
N TYR A 440 18.17 1.52 20.92
CA TYR A 440 17.15 0.69 21.57
C TYR A 440 17.46 -0.78 21.33
N MET A 441 17.80 -1.11 20.08
CA MET A 441 18.17 -2.48 19.75
C MET A 441 19.36 -2.96 20.60
N ARG A 442 20.41 -2.14 20.65
CA ARG A 442 21.61 -2.47 21.41
C ARG A 442 21.40 -2.51 22.93
N ASN A 443 20.91 -1.41 23.51
CA ASN A 443 20.79 -1.31 24.96
C ASN A 443 19.64 -2.14 25.54
N VAL A 444 18.57 -2.30 24.76
CA VAL A 444 17.38 -2.92 25.29
C VAL A 444 17.15 -4.33 24.76
N LEU A 445 16.81 -4.45 23.49
CA LEU A 445 16.43 -5.74 22.94
C LEU A 445 17.57 -6.79 22.96
N LEU A 446 18.65 -6.52 22.23
CA LEU A 446 19.83 -7.39 22.22
C LEU A 446 20.14 -7.96 23.61
N GLU A 447 20.07 -7.09 24.62
CA GLU A 447 20.41 -7.49 25.98
C GLU A 447 19.38 -8.53 26.48
N LYS A 448 18.11 -8.27 26.25
CA LYS A 448 17.05 -9.22 26.63
C LYS A 448 17.18 -10.58 25.94
N ILE A 449 17.37 -10.54 24.62
CA ILE A 449 17.53 -11.75 23.81
C ILE A 449 18.70 -12.59 24.30
N THR A 450 19.80 -11.91 24.56
CA THR A 450 21.03 -12.55 25.03
C THR A 450 20.83 -13.21 26.41
N GLU A 451 20.27 -12.45 27.35
CA GLU A 451 19.97 -12.99 28.67
C GLU A 451 19.14 -14.24 28.54
N ALA A 452 18.10 -14.14 27.72
CA ALA A 452 17.21 -15.28 27.51
C ALA A 452 18.01 -16.46 26.97
N ASN A 453 18.93 -16.19 26.05
CA ASN A 453 19.75 -17.25 25.46
C ASN A 453 20.68 -17.89 26.47
N GLN A 454 21.36 -17.05 27.24
CA GLN A 454 22.32 -17.53 28.22
C GLN A 454 21.70 -18.48 29.25
N GLU A 455 20.42 -18.33 29.55
CA GLU A 455 19.77 -19.30 30.43
C GLU A 455 18.88 -20.29 29.67
N GLY A 456 18.93 -20.23 28.34
CA GLY A 456 18.23 -21.18 27.49
C GLY A 456 16.72 -21.05 27.53
N SER A 457 16.23 -19.83 27.72
CA SER A 457 14.79 -19.59 27.81
C SER A 457 14.17 -19.38 26.45
N ASP A 458 13.00 -19.98 26.27
CA ASP A 458 12.17 -19.71 25.13
C ASP A 458 11.41 -18.40 25.40
N MET A 459 11.80 -17.34 24.69
CA MET A 459 11.27 -16.00 24.91
C MET A 459 9.76 -15.89 24.73
N ARG A 460 9.15 -16.86 24.06
CA ARG A 460 7.72 -16.78 23.82
C ARG A 460 6.93 -16.97 25.10
N GLU A 461 7.51 -17.70 26.06
CA GLU A 461 6.79 -18.02 27.29
C GLU A 461 6.45 -16.75 28.08
N GLN A 462 7.45 -15.91 28.35
CA GLN A 462 7.25 -14.69 29.13
C GLN A 462 7.56 -13.38 28.41
N GLU A 463 8.28 -13.43 27.28
CA GLU A 463 8.68 -12.20 26.58
C GLU A 463 8.33 -12.17 25.09
N LYS A 464 7.16 -12.70 24.74
CA LYS A 464 6.82 -12.81 23.33
C LYS A 464 6.81 -11.45 22.63
N ASN A 465 6.26 -10.45 23.31
CA ASN A 465 6.16 -9.10 22.75
C ASN A 465 7.52 -8.51 22.40
N ILE A 466 8.49 -8.72 23.30
CA ILE A 466 9.83 -8.22 23.11
C ILE A 466 10.47 -8.95 21.91
N TRP A 467 10.14 -10.23 21.78
CA TRP A 467 10.66 -11.06 20.70
C TRP A 467 10.08 -10.64 19.36
N THR A 468 8.76 -10.49 19.27
CA THR A 468 8.23 -10.11 17.96
C THR A 468 8.66 -8.70 17.60
N ALA A 469 8.77 -7.82 18.59
CA ALA A 469 9.21 -6.46 18.32
C ALA A 469 10.67 -6.41 17.79
N SER A 470 11.53 -7.26 18.36
CA SER A 470 12.93 -7.32 17.94
C SER A 470 13.07 -7.72 16.49
N GLN A 471 12.26 -8.68 16.06
CA GLN A 471 12.34 -9.17 14.69
C GLN A 471 11.89 -8.11 13.71
N ILE A 472 10.79 -7.43 14.04
CA ILE A 472 10.28 -6.39 13.17
C ILE A 472 11.29 -5.24 13.12
N MET A 473 11.81 -4.83 14.27
CA MET A 473 12.76 -3.72 14.29
C MET A 473 14.03 -4.12 13.52
N LYS A 474 14.48 -5.36 13.72
CA LYS A 474 15.64 -5.87 13.00
C LYS A 474 15.46 -5.80 11.48
N ALA A 475 14.36 -6.35 10.99
CA ALA A 475 14.09 -6.35 9.56
C ALA A 475 14.18 -4.93 9.03
N GLU A 476 13.59 -3.97 9.73
CA GLU A 476 13.60 -2.60 9.25
C GLU A 476 15.01 -2.06 9.25
N MET A 477 15.80 -2.45 10.24
CA MET A 477 17.16 -1.91 10.32
C MET A 477 18.09 -2.51 9.25
N GLU A 478 17.84 -3.75 8.84
CA GLU A 478 18.58 -4.38 7.73
C GLU A 478 18.39 -3.54 6.48
N ARG A 479 17.16 -3.13 6.24
CA ARG A 479 16.86 -2.23 5.16
C ARG A 479 17.72 -0.96 5.24
N TRP A 480 17.78 -0.35 6.41
CA TRP A 480 18.62 0.84 6.60
C TRP A 480 20.09 0.54 6.31
N MET A 481 20.59 -0.58 6.82
CA MET A 481 21.97 -1.00 6.62
C MET A 481 22.27 -1.20 5.14
N ASP A 482 21.34 -1.84 4.42
CA ASP A 482 21.52 -2.06 3.00
C ASP A 482 21.59 -0.73 2.24
N ARG A 483 20.55 0.09 2.41
CA ARG A 483 20.54 1.43 1.84
C ARG A 483 21.86 2.14 2.11
N GLU A 484 22.40 2.03 3.31
CA GLU A 484 23.66 2.70 3.60
C GLU A 484 24.81 2.10 2.78
N LEU A 485 24.66 0.85 2.37
CA LEU A 485 25.70 0.18 1.60
C LEU A 485 25.67 0.64 0.16
N ARG A 486 24.47 0.78 -0.37
CA ARG A 486 24.28 1.14 -1.76
C ARG A 486 24.45 2.63 -2.00
N LEU A 487 24.32 3.45 -0.95
CA LEU A 487 24.36 4.89 -1.17
C LEU A 487 25.14 5.69 -0.11
N GLY A 488 25.73 5.00 0.86
CA GLY A 488 26.49 5.67 1.92
C GLY A 488 25.66 6.21 3.07
N PRO A 489 26.33 6.70 4.13
CA PRO A 489 25.70 7.36 5.29
C PRO A 489 24.91 8.60 4.90
N GLU A 490 23.95 8.99 5.74
CA GLU A 490 23.19 10.22 5.55
C GLU A 490 24.07 11.41 5.90
N LYS A 491 23.61 12.62 5.57
CA LYS A 491 24.35 13.83 5.93
C LYS A 491 24.51 13.91 7.45
N ASN A 492 23.39 13.73 8.15
CA ASN A 492 23.46 13.56 9.60
C ASN A 492 23.18 12.12 10.04
N ALA A 493 24.24 11.45 10.43
CA ALA A 493 24.14 10.16 11.10
C ALA A 493 25.16 10.22 12.21
N ILE A 494 24.71 10.02 13.45
CA ILE A 494 25.61 10.12 14.59
C ILE A 494 26.37 8.82 14.74
N LEU A 495 25.70 7.70 14.56
CA LEU A 495 26.31 6.39 14.71
C LEU A 495 27.17 6.01 13.51
N PRO A 496 28.44 5.70 13.75
CA PRO A 496 29.40 5.30 12.71
C PRO A 496 28.99 3.95 12.14
N THR A 497 29.03 3.80 10.82
CA THR A 497 28.64 2.56 10.16
C THR A 497 29.27 1.35 10.86
N ASP A 498 30.52 1.50 11.27
CA ASP A 498 31.25 0.44 11.96
C ASP A 498 30.43 -0.07 13.16
N ASP A 499 30.13 0.82 14.09
CA ASP A 499 29.36 0.45 15.27
C ASP A 499 28.02 -0.17 14.92
N LYS A 500 27.41 0.28 13.81
CA LYS A 500 26.15 -0.28 13.34
C LYS A 500 26.25 -1.74 12.91
N ASN A 501 27.27 -2.07 12.12
CA ASN A 501 27.46 -3.45 11.70
C ASN A 501 27.73 -4.35 12.89
N LYS A 502 28.59 -3.88 13.81
CA LYS A 502 28.92 -4.67 15.00
C LYS A 502 27.72 -4.90 15.92
N ILE A 503 26.72 -4.03 15.82
CA ILE A 503 25.46 -4.24 16.51
C ILE A 503 24.62 -5.23 15.71
N MET A 504 24.46 -4.95 14.42
CA MET A 504 23.68 -5.81 13.56
C MET A 504 24.13 -7.26 13.67
N ILE A 505 25.42 -7.44 13.89
CA ILE A 505 26.02 -8.78 13.85
C ILE A 505 25.78 -9.52 15.15
N SER A 506 25.85 -8.80 16.26
CA SER A 506 25.55 -9.38 17.55
C SER A 506 24.08 -9.80 17.59
N VAL A 507 23.24 -9.02 16.93
CA VAL A 507 21.78 -9.25 16.89
C VAL A 507 21.40 -10.48 16.06
N ARG A 508 21.83 -10.51 14.80
CA ARG A 508 21.63 -11.69 13.93
C ARG A 508 21.94 -13.00 14.65
N LYS A 509 23.06 -12.99 15.38
CA LYS A 509 23.55 -14.15 16.12
C LYS A 509 22.66 -14.54 17.30
N GLN A 510 22.31 -13.57 18.15
CA GLN A 510 21.46 -13.87 19.28
C GLN A 510 20.07 -14.33 18.82
N ILE A 511 19.57 -13.70 17.76
CA ILE A 511 18.29 -14.11 17.17
C ILE A 511 18.32 -15.53 16.56
N GLU A 512 19.40 -15.86 15.86
CA GLU A 512 19.58 -17.23 15.36
C GLU A 512 19.58 -18.20 16.55
N ILE A 513 20.38 -17.91 17.57
CA ILE A 513 20.44 -18.75 18.76
C ILE A 513 19.07 -18.95 19.43
N GLN A 514 18.34 -17.85 19.62
CA GLN A 514 17.00 -17.95 20.23
C GLN A 514 16.05 -18.71 19.32
N THR A 515 16.18 -18.50 18.01
CA THR A 515 15.37 -19.25 17.06
C THR A 515 15.62 -20.75 17.20
N LYS A 516 16.86 -21.13 17.47
CA LYS A 516 17.16 -22.53 17.68
C LYS A 516 16.61 -23.02 19.03
N ILE A 517 16.74 -22.21 20.06
CA ILE A 517 16.23 -22.57 21.37
C ILE A 517 14.73 -22.88 21.29
N GLN A 518 14.02 -22.11 20.46
CA GLN A 518 12.59 -22.32 20.28
C GLN A 518 12.26 -23.54 19.44
N ASN A 519 12.93 -23.66 18.29
CA ASN A 519 12.76 -24.82 17.43
C ASN A 519 13.06 -26.13 18.15
N ALA A 520 13.81 -26.04 19.24
CA ALA A 520 14.26 -27.22 19.99
C ALA A 520 13.18 -27.88 20.86
N LYS A 521 12.11 -27.15 21.20
CA LYS A 521 10.97 -27.78 21.89
C LYS A 521 10.13 -28.60 20.92
N ASN A 522 10.78 -29.11 19.86
CA ASN A 522 10.14 -29.90 18.81
C ASN A 522 10.47 -31.39 18.87
N LYS A 523 9.54 -32.20 18.35
CA LYS A 523 9.75 -33.63 18.16
C LYS A 523 9.36 -34.06 16.75
N PRO B 9 -12.87 -53.64 -17.73
CA PRO B 9 -13.93 -54.14 -18.62
C PRO B 9 -14.98 -54.99 -17.88
N LYS B 10 -16.09 -54.36 -17.52
CA LYS B 10 -17.22 -55.06 -16.90
C LYS B 10 -18.30 -55.40 -17.93
N GLU B 11 -19.31 -56.16 -17.52
CA GLU B 11 -20.39 -56.58 -18.42
C GLU B 11 -21.80 -56.23 -17.92
N SER B 12 -22.63 -57.25 -17.66
CA SER B 12 -23.93 -57.08 -17.02
C SER B 12 -23.78 -56.80 -15.53
N ASP B 13 -22.64 -56.23 -15.15
CA ASP B 13 -22.34 -55.91 -13.76
C ASP B 13 -23.08 -54.64 -13.34
N ARG B 14 -23.21 -54.46 -12.03
CA ARG B 14 -23.84 -53.25 -11.48
C ARG B 14 -22.87 -52.48 -10.57
N CYS B 15 -22.96 -51.16 -10.60
CA CYS B 15 -22.11 -50.32 -9.74
C CYS B 15 -22.37 -50.56 -8.25
N GLY B 16 -21.33 -50.92 -7.52
CA GLY B 16 -21.44 -51.19 -6.10
C GLY B 16 -21.87 -49.99 -5.27
N GLY B 17 -21.77 -48.80 -5.85
CA GLY B 17 -22.18 -47.58 -5.16
C GLY B 17 -23.60 -47.13 -5.47
N CYS B 18 -23.86 -46.81 -6.74
CA CYS B 18 -25.17 -46.32 -7.14
C CYS B 18 -26.14 -47.43 -7.56
N GLY B 19 -25.65 -48.67 -7.56
CA GLY B 19 -26.50 -49.82 -7.81
C GLY B 19 -27.02 -49.99 -9.23
N LYS B 20 -26.60 -49.12 -10.15
CA LYS B 20 -27.11 -49.22 -11.52
C LYS B 20 -26.19 -49.94 -12.51
N PHE B 21 -26.76 -50.89 -13.26
CA PHE B 21 -26.02 -51.66 -14.25
C PHE B 21 -25.43 -50.77 -15.35
N THR B 22 -24.51 -51.32 -16.13
CA THR B 22 -23.97 -50.61 -17.27
C THR B 22 -25.10 -50.28 -18.24
N HIS B 23 -25.36 -48.99 -18.42
CA HIS B 23 -26.45 -48.52 -19.27
C HIS B 23 -26.66 -49.36 -20.52
N LEU B 42 -18.91 -20.66 -17.42
CA LEU B 42 -17.68 -20.71 -16.63
C LEU B 42 -16.88 -19.42 -16.78
N MET B 43 -16.66 -18.72 -15.67
CA MET B 43 -16.08 -17.37 -15.74
C MET B 43 -14.67 -17.23 -15.14
N SER B 44 -14.12 -18.33 -14.65
CA SER B 44 -12.77 -18.33 -14.07
C SER B 44 -11.98 -19.59 -14.46
N LYS B 45 -10.67 -19.57 -14.20
CA LYS B 45 -9.78 -20.64 -14.65
C LYS B 45 -10.13 -22.03 -14.11
N LYS B 46 -10.69 -22.86 -15.00
CA LYS B 46 -11.00 -24.25 -14.68
C LYS B 46 -10.55 -25.16 -15.82
N LYS B 47 -10.11 -26.38 -15.48
CA LYS B 47 -9.70 -27.37 -16.49
C LYS B 47 -10.06 -28.81 -16.10
N SER B 48 -10.40 -29.06 -14.83
CA SER B 48 -10.66 -30.43 -14.37
C SER B 48 -11.84 -31.09 -15.07
N HIS B 49 -12.89 -30.31 -15.35
CA HIS B 49 -14.14 -30.83 -15.93
C HIS B 49 -13.94 -31.49 -17.30
N HIS B 50 -12.81 -31.19 -17.95
CA HIS B 50 -12.51 -31.74 -19.28
C HIS B 50 -12.58 -33.26 -19.27
N HIS B 51 -11.79 -33.89 -18.42
CA HIS B 51 -11.83 -35.35 -18.29
C HIS B 51 -12.73 -35.85 -17.14
N LYS B 52 -13.93 -35.26 -17.05
CA LYS B 52 -15.00 -35.82 -16.24
C LYS B 52 -15.70 -36.91 -17.05
N LYS B 53 -15.02 -37.39 -18.09
CA LYS B 53 -15.46 -38.55 -18.86
C LYS B 53 -15.04 -39.85 -18.16
N ASN B 54 -14.03 -39.73 -17.29
CA ASN B 54 -13.61 -40.86 -16.48
C ASN B 54 -14.57 -41.09 -15.33
N ASP B 55 -15.28 -40.04 -14.93
CA ASP B 55 -16.23 -40.13 -13.81
C ASP B 55 -17.18 -41.31 -13.96
N PHE B 56 -17.50 -41.65 -15.20
CA PHE B 56 -18.41 -42.75 -15.46
C PHE B 56 -17.79 -43.84 -16.35
N GLN B 57 -16.50 -44.08 -16.14
CA GLN B 57 -15.86 -45.31 -16.61
C GLN B 57 -15.78 -46.21 -15.40
N TRP B 58 -15.31 -47.44 -15.60
CA TRP B 58 -15.36 -48.42 -14.52
C TRP B 58 -14.02 -48.81 -13.95
N ILE B 59 -14.02 -49.10 -12.66
CA ILE B 59 -12.85 -49.60 -11.94
C ILE B 59 -13.35 -50.74 -11.05
N GLY B 60 -12.56 -51.79 -10.93
CA GLY B 60 -12.97 -52.96 -10.17
C GLY B 60 -12.09 -53.28 -8.99
N CYS B 61 -12.71 -53.64 -7.87
CA CYS B 61 -11.96 -53.96 -6.67
C CYS B 61 -11.28 -55.32 -6.76
N ASP B 62 -9.99 -55.34 -6.45
CA ASP B 62 -9.19 -56.54 -6.64
C ASP B 62 -9.44 -57.58 -5.56
N SER B 63 -10.18 -57.17 -4.52
CA SER B 63 -10.53 -58.08 -3.43
C SER B 63 -11.93 -58.66 -3.56
N CYS B 64 -12.93 -57.83 -3.30
CA CYS B 64 -14.31 -58.30 -3.34
C CYS B 64 -14.79 -58.48 -4.78
N GLN B 65 -14.02 -57.95 -5.73
CA GLN B 65 -14.36 -58.06 -7.14
C GLN B 65 -15.65 -57.36 -7.51
N THR B 66 -16.10 -56.40 -6.71
CA THR B 66 -17.23 -55.60 -7.18
C THR B 66 -16.70 -54.45 -8.04
N TRP B 67 -17.51 -54.04 -9.02
CA TRP B 67 -17.17 -52.93 -9.90
C TRP B 67 -17.82 -51.64 -9.42
N TYR B 68 -17.22 -50.51 -9.78
CA TYR B 68 -17.71 -49.18 -9.42
C TYR B 68 -17.50 -48.20 -10.56
N HIS B 69 -18.43 -47.27 -10.74
CA HIS B 69 -18.15 -46.07 -11.51
C HIS B 69 -17.03 -45.36 -10.75
N PHE B 70 -16.11 -44.75 -11.49
CA PHE B 70 -15.01 -44.03 -10.84
C PHE B 70 -15.60 -43.02 -9.86
N LEU B 71 -16.63 -42.33 -10.32
CA LEU B 71 -17.31 -41.34 -9.50
C LEU B 71 -17.82 -41.93 -8.19
N CYS B 72 -18.15 -43.22 -8.19
CA CYS B 72 -18.74 -43.85 -7.02
C CYS B 72 -17.72 -44.66 -6.23
N SER B 73 -16.51 -44.78 -6.77
CA SER B 73 -15.49 -45.63 -6.17
C SER B 73 -14.95 -45.13 -4.85
N GLY B 74 -15.22 -43.87 -4.53
CA GLY B 74 -14.63 -43.25 -3.36
C GLY B 74 -13.36 -42.51 -3.74
N LEU B 75 -13.01 -42.62 -5.01
CA LEU B 75 -11.81 -41.99 -5.54
C LEU B 75 -12.09 -40.56 -5.95
N GLU B 76 -11.13 -39.68 -5.66
CA GLU B 76 -11.18 -38.33 -6.20
C GLU B 76 -10.55 -38.33 -7.58
N GLN B 77 -10.93 -37.36 -8.40
CA GLN B 77 -10.53 -37.32 -9.80
C GLN B 77 -9.03 -37.49 -10.03
N PHE B 78 -8.21 -36.90 -9.17
CA PHE B 78 -6.77 -36.96 -9.39
C PHE B 78 -6.22 -38.35 -9.13
N GLU B 79 -7.06 -39.23 -8.58
CA GLU B 79 -6.62 -40.57 -8.22
C GLU B 79 -7.04 -41.60 -9.27
N TYR B 80 -7.90 -41.19 -10.19
CA TYR B 80 -8.45 -42.14 -11.14
C TYR B 80 -7.39 -42.99 -11.84
N TYR B 81 -6.31 -42.35 -12.29
CA TYR B 81 -5.27 -43.04 -13.06
C TYR B 81 -4.14 -43.58 -12.20
N LEU B 82 -4.18 -43.32 -10.90
CA LEU B 82 -3.05 -43.66 -10.04
C LEU B 82 -2.88 -45.15 -9.70
N TYR B 83 -3.98 -45.89 -9.60
CA TYR B 83 -3.89 -47.22 -8.99
C TYR B 83 -4.01 -48.39 -9.98
N GLU B 84 -2.99 -49.25 -9.92
CA GLU B 84 -2.93 -50.45 -10.74
C GLU B 84 -3.87 -51.48 -10.12
N LYS B 85 -3.86 -51.52 -8.80
CA LYS B 85 -4.65 -52.50 -8.06
C LYS B 85 -5.55 -51.78 -7.05
N PHE B 86 -6.84 -51.68 -7.39
CA PHE B 86 -7.79 -50.97 -6.55
C PHE B 86 -8.44 -51.83 -5.46
N PHE B 87 -8.27 -51.41 -4.21
CA PHE B 87 -9.04 -51.97 -3.10
C PHE B 87 -10.09 -50.96 -2.70
N CYS B 88 -11.35 -51.35 -2.75
CA CYS B 88 -12.46 -50.42 -2.52
C CYS B 88 -12.62 -50.10 -1.01
N PRO B 89 -13.35 -49.03 -0.69
CA PRO B 89 -13.47 -48.61 0.71
C PRO B 89 -13.92 -49.76 1.61
N LYS B 90 -14.78 -50.63 1.09
CA LYS B 90 -15.29 -51.75 1.87
C LYS B 90 -14.21 -52.80 2.16
N CYS B 91 -13.16 -52.80 1.34
CA CYS B 91 -12.11 -53.81 1.46
C CYS B 91 -10.82 -53.28 2.10
N VAL B 92 -10.57 -51.99 1.98
CA VAL B 92 -9.38 -51.37 2.56
C VAL B 92 -9.08 -51.82 4.00
N PRO B 93 -10.10 -51.88 4.86
CA PRO B 93 -9.85 -52.29 6.25
C PRO B 93 -9.02 -53.57 6.37
N HIS B 94 -9.26 -54.55 5.50
CA HIS B 94 -8.51 -55.82 5.58
C HIS B 94 -7.44 -56.02 4.50
N THR B 95 -7.51 -55.22 3.44
CA THR B 95 -6.56 -55.35 2.35
C THR B 95 -5.41 -54.37 2.51
N GLY B 96 -5.71 -53.17 3.01
CA GLY B 96 -4.76 -52.09 3.02
C GLY B 96 -5.10 -51.14 1.88
N HIS B 97 -4.23 -50.18 1.59
CA HIS B 97 -4.53 -49.23 0.55
C HIS B 97 -4.23 -49.79 -0.84
N SER B 98 -4.86 -49.18 -1.84
CA SER B 98 -4.63 -49.55 -3.23
C SER B 98 -3.14 -49.45 -3.56
N ILE B 99 -2.72 -50.13 -4.62
CA ILE B 99 -1.33 -50.07 -5.03
C ILE B 99 -1.16 -49.16 -6.25
N ARG B 100 -0.25 -48.21 -6.17
CA ARG B 100 -0.03 -47.31 -7.28
C ARG B 100 0.76 -48.01 -8.40
N TYR B 101 0.63 -47.51 -9.62
CA TYR B 101 1.50 -47.96 -10.69
C TYR B 101 2.94 -47.68 -10.27
N LYS B 102 3.84 -48.58 -10.62
CA LYS B 102 5.26 -48.37 -10.43
C LYS B 102 5.68 -47.17 -11.29
N VAL B 103 6.58 -46.34 -10.77
CA VAL B 103 7.14 -45.26 -11.57
C VAL B 103 8.16 -45.83 -12.55
N VAL B 104 7.69 -46.22 -13.73
CA VAL B 104 8.53 -46.86 -14.74
C VAL B 104 9.30 -45.87 -15.62
N ALA B 105 8.73 -44.67 -15.79
CA ALA B 105 9.27 -43.69 -16.73
C ALA B 105 9.25 -42.27 -16.17
N PRO B 106 10.11 -41.98 -15.20
CA PRO B 106 10.18 -40.69 -14.49
C PRO B 106 10.31 -39.50 -15.44
N HIS B 107 10.69 -39.76 -16.70
CA HIS B 107 11.02 -38.69 -17.63
C HIS B 107 9.88 -38.45 -18.61
N ARG B 108 8.78 -39.17 -18.42
CA ARG B 108 7.63 -39.07 -19.30
C ARG B 108 6.38 -38.64 -18.51
N TYR B 109 5.46 -37.94 -19.15
CA TYR B 109 4.22 -37.57 -18.47
C TYR B 109 3.48 -38.82 -18.05
N ARG B 110 3.42 -39.81 -18.93
CA ARG B 110 2.84 -41.09 -18.56
C ARG B 110 3.90 -41.95 -17.85
N TRP B 111 4.26 -41.53 -16.64
CA TRP B 111 5.35 -42.14 -15.89
C TRP B 111 5.11 -43.60 -15.56
N TYR B 112 3.85 -44.03 -15.68
CA TYR B 112 3.42 -45.38 -15.34
C TYR B 112 3.55 -46.38 -16.51
N SER B 113 3.93 -45.90 -17.69
CA SER B 113 3.90 -46.75 -18.89
C SER B 113 5.28 -47.25 -19.34
N PRO B 114 5.47 -48.58 -19.36
CA PRO B 114 6.72 -49.18 -19.82
C PRO B 114 7.01 -48.91 -21.30
N ASN B 115 5.97 -48.82 -22.11
CA ASN B 115 6.16 -48.55 -23.54
C ASN B 115 6.79 -47.20 -23.84
N GLU B 116 7.06 -46.44 -22.79
CA GLU B 116 7.55 -45.07 -22.95
C GLU B 116 8.92 -44.89 -22.30
N LYS B 117 9.35 -45.92 -21.57
CA LYS B 117 10.64 -45.88 -20.88
C LYS B 117 11.80 -45.50 -21.80
N HIS B 118 11.70 -45.85 -23.08
CA HIS B 118 12.81 -45.65 -23.99
C HIS B 118 12.76 -44.28 -24.69
N LEU B 119 11.66 -43.57 -24.46
CA LEU B 119 11.48 -42.28 -25.13
C LEU B 119 12.25 -41.15 -24.44
N GLY B 120 12.21 -39.96 -25.06
CA GLY B 120 12.99 -38.81 -24.61
C GLY B 120 12.42 -38.12 -23.39
N ILE B 121 13.27 -37.35 -22.73
CA ILE B 121 12.89 -36.63 -21.52
C ILE B 121 11.93 -35.48 -21.83
N GLU B 122 10.77 -35.50 -21.19
CA GLU B 122 9.71 -34.51 -21.44
C GLU B 122 9.79 -33.32 -20.47
N VAL B 123 9.58 -32.11 -21.01
CA VAL B 123 9.85 -30.87 -20.29
C VAL B 123 9.20 -30.75 -18.92
N GLY B 124 8.03 -31.31 -18.70
CA GLY B 124 7.47 -31.14 -17.35
C GLY B 124 7.79 -32.20 -16.29
N SER B 125 8.52 -33.25 -16.70
CA SER B 125 8.63 -34.48 -15.92
C SER B 125 9.53 -34.36 -14.70
N LYS B 126 9.40 -35.33 -13.80
CA LYS B 126 10.28 -35.38 -12.63
C LYS B 126 11.75 -35.33 -13.07
N THR B 127 12.14 -36.26 -13.94
CA THR B 127 13.51 -36.28 -14.41
C THR B 127 13.93 -34.90 -14.91
N TRP B 128 13.13 -34.33 -15.81
CA TRP B 128 13.49 -33.04 -16.41
C TRP B 128 13.59 -31.95 -15.36
N ILE B 129 12.63 -31.91 -14.42
CA ILE B 129 12.65 -30.82 -13.45
C ILE B 129 13.90 -30.90 -12.58
N GLU B 130 14.19 -32.11 -12.10
CA GLU B 130 15.35 -32.32 -11.25
C GLU B 130 16.65 -31.93 -11.94
N ASP B 131 16.82 -32.37 -13.18
CA ASP B 131 17.97 -31.92 -13.95
C ASP B 131 17.98 -30.41 -14.14
N PHE B 132 16.83 -29.86 -14.51
CA PHE B 132 16.67 -28.42 -14.73
C PHE B 132 17.14 -27.58 -13.54
N ILE B 133 16.71 -27.96 -12.34
CA ILE B 133 17.10 -27.26 -11.11
C ILE B 133 18.62 -27.03 -11.01
N THR B 134 19.40 -28.02 -11.40
CA THR B 134 20.86 -27.90 -11.28
C THR B 134 21.47 -26.92 -12.30
N ARG B 135 20.73 -26.62 -13.36
CA ARG B 135 21.26 -25.72 -14.38
C ARG B 135 20.52 -24.38 -14.52
N GLU B 136 19.41 -24.20 -13.78
CA GLU B 136 18.55 -23.05 -14.05
C GLU B 136 19.17 -21.69 -13.81
N ASN B 137 20.13 -21.61 -12.91
CA ASN B 137 20.68 -20.31 -12.51
C ASN B 137 21.67 -19.76 -13.52
N THR B 138 21.88 -20.50 -14.61
CA THR B 138 22.73 -19.98 -15.68
C THR B 138 21.89 -19.22 -16.69
N VAL B 139 20.59 -19.13 -16.43
CA VAL B 139 19.72 -18.25 -17.20
C VAL B 139 20.07 -16.82 -16.84
N PRO B 140 20.38 -16.00 -17.86
CA PRO B 140 20.85 -14.63 -17.62
C PRO B 140 19.81 -13.77 -16.92
N SER B 141 20.29 -12.89 -16.04
CA SER B 141 19.46 -11.87 -15.45
C SER B 141 18.96 -10.96 -16.55
N PRO B 142 17.83 -10.29 -16.31
CA PRO B 142 17.24 -9.43 -17.33
C PRO B 142 17.92 -8.07 -17.38
N THR B 143 17.77 -7.34 -18.48
CA THR B 143 18.34 -5.99 -18.57
C THR B 143 17.47 -5.05 -17.74
N ASP B 144 17.91 -3.81 -17.58
CA ASP B 144 17.11 -2.84 -16.84
C ASP B 144 15.93 -2.37 -17.68
N ASP B 145 16.03 -2.50 -19.00
CA ASP B 145 14.91 -2.18 -19.87
C ASP B 145 13.78 -3.20 -19.73
N GLU B 146 14.10 -4.40 -19.29
CA GLU B 146 13.11 -5.47 -19.17
C GLU B 146 12.47 -5.52 -17.78
N VAL B 147 13.26 -5.37 -16.73
CA VAL B 147 12.70 -5.43 -15.38
C VAL B 147 13.27 -4.35 -14.48
N CYS B 148 12.41 -3.82 -13.62
CA CYS B 148 12.82 -2.84 -12.65
C CYS B 148 12.54 -3.38 -11.24
N ILE B 149 13.60 -3.51 -10.44
CA ILE B 149 13.50 -3.97 -9.06
C ILE B 149 13.53 -2.74 -8.17
N VAL B 150 12.56 -2.63 -7.27
CA VAL B 150 12.47 -1.49 -6.37
C VAL B 150 12.27 -1.94 -4.92
N GLU B 151 12.83 -1.19 -3.96
CA GLU B 151 12.84 -1.60 -2.55
C GLU B 151 11.44 -1.70 -1.99
N ASP B 152 10.56 -0.82 -2.41
CA ASP B 152 9.24 -0.80 -1.82
C ASP B 152 8.23 -0.12 -2.73
N GLY B 153 6.98 -0.16 -2.30
CA GLY B 153 5.86 0.38 -3.04
C GLY B 153 6.01 1.84 -3.38
N TYR B 154 6.67 2.59 -2.51
CA TYR B 154 6.85 4.01 -2.75
C TYR B 154 7.72 4.32 -3.96
N GLU B 155 8.88 3.68 -4.05
CA GLU B 155 9.71 3.96 -5.20
C GLU B 155 9.14 3.27 -6.43
N PHE B 156 8.37 2.19 -6.25
CA PHE B 156 7.66 1.62 -7.39
C PHE B 156 6.83 2.69 -8.05
N ARG B 157 6.12 3.48 -7.25
CA ARG B 157 5.23 4.45 -7.84
C ARG B 157 6.01 5.57 -8.52
N ARG B 158 7.19 5.88 -7.99
CA ARG B 158 8.03 6.91 -8.60
C ARG B 158 8.54 6.44 -9.96
N GLU B 159 9.07 5.21 -10.00
CA GLU B 159 9.67 4.65 -11.20
C GLU B 159 8.60 4.39 -12.25
N PHE B 160 7.45 3.90 -11.79
CA PHE B 160 6.31 3.65 -12.66
C PHE B 160 5.92 4.94 -13.33
N GLU B 161 5.88 6.03 -12.57
CA GLU B 161 5.42 7.30 -13.12
C GLU B 161 6.45 7.90 -14.07
N LYS B 162 7.73 7.72 -13.77
CA LYS B 162 8.80 8.29 -14.59
C LYS B 162 8.80 7.76 -16.01
N LEU B 163 8.25 6.56 -16.16
CA LEU B 163 8.16 5.86 -17.42
C LEU B 163 6.83 6.12 -18.08
N GLY B 164 6.07 7.06 -17.53
CA GLY B 164 4.81 7.47 -18.14
C GLY B 164 3.59 6.77 -17.58
N GLY B 165 3.76 6.08 -16.46
CA GLY B 165 2.62 5.50 -15.78
C GLY B 165 1.91 4.40 -16.54
N ALA B 166 0.65 4.17 -16.15
CA ALA B 166 -0.12 3.03 -16.62
C ALA B 166 -0.40 3.03 -18.12
N ASP B 167 -0.61 4.20 -18.69
CA ASP B 167 -0.83 4.29 -20.11
C ASP B 167 0.40 3.89 -20.91
N ASN B 168 1.57 3.85 -20.28
CA ASN B 168 2.78 3.47 -21.02
C ASN B 168 3.48 2.30 -20.39
N TRP B 169 2.76 1.56 -19.56
CA TRP B 169 3.34 0.49 -18.79
C TRP B 169 3.89 -0.58 -19.71
N GLY B 170 5.21 -0.80 -19.67
CA GLY B 170 5.83 -1.77 -20.54
C GLY B 170 6.85 -2.74 -19.96
N LYS B 171 7.39 -2.45 -18.78
CA LYS B 171 8.36 -3.39 -18.19
C LYS B 171 7.80 -4.07 -16.96
N VAL B 172 8.42 -5.17 -16.56
CA VAL B 172 7.97 -5.81 -15.35
C VAL B 172 8.68 -5.17 -14.16
N PHE B 173 7.98 -5.13 -13.03
CA PHE B 173 8.52 -4.57 -11.81
C PHE B 173 8.46 -5.65 -10.75
N MET B 174 9.48 -5.69 -9.91
CA MET B 174 9.49 -6.51 -8.71
C MET B 174 9.60 -5.52 -7.58
N VAL B 175 8.68 -5.60 -6.62
CA VAL B 175 8.67 -4.68 -5.49
C VAL B 175 9.05 -5.45 -4.21
N LYS B 176 10.24 -5.18 -3.70
CA LYS B 176 10.79 -5.98 -2.61
C LYS B 176 9.92 -5.94 -1.34
N ASP B 177 9.32 -4.79 -1.03
CA ASP B 177 8.48 -4.64 0.16
C ASP B 177 7.18 -3.96 -0.22
N MET B 178 6.05 -4.45 0.29
CA MET B 178 4.76 -3.93 -0.19
C MET B 178 4.36 -2.55 0.36
N ASP B 179 5.07 -2.09 1.39
CA ASP B 179 4.76 -0.78 1.94
C ASP B 179 4.75 0.29 0.87
N GLY B 180 3.62 0.99 0.74
CA GLY B 180 3.46 2.02 -0.28
C GLY B 180 2.72 1.55 -1.53
N LEU B 181 2.63 0.23 -1.73
CA LEU B 181 1.90 -0.35 -2.86
C LEU B 181 0.40 -0.26 -2.67
N ASN B 182 -0.02 0.01 -1.43
CA ASN B 182 -1.43 0.06 -1.16
C ASN B 182 -2.16 -1.22 -1.65
N MET B 183 -1.60 -2.37 -1.31
CA MET B 183 -2.18 -3.65 -1.69
C MET B 183 -2.51 -4.49 -0.44
N THR B 184 -3.79 -4.66 -0.16
CA THR B 184 -4.18 -5.43 1.01
C THR B 184 -3.83 -6.92 0.85
N MET B 185 -3.05 -7.44 1.80
CA MET B 185 -2.74 -8.88 1.85
C MET B 185 -2.84 -9.41 3.28
N PRO B 186 -3.09 -10.72 3.41
CA PRO B 186 -3.12 -11.35 4.74
C PRO B 186 -1.82 -11.06 5.48
N LYS B 187 -1.83 -11.21 6.80
CA LYS B 187 -0.59 -11.08 7.58
C LYS B 187 0.21 -12.34 7.36
N PRO B 188 1.55 -12.20 7.34
CA PRO B 188 2.36 -13.43 7.24
C PRO B 188 2.05 -14.35 8.41
N GLY B 189 2.07 -15.65 8.14
CA GLY B 189 1.58 -16.62 9.11
C GLY B 189 0.32 -17.23 8.55
N PHE B 190 -0.49 -16.40 7.90
CA PHE B 190 -1.66 -16.85 7.17
C PHE B 190 -1.23 -17.97 6.22
N ASP B 191 -1.97 -19.07 6.21
CA ASP B 191 -1.53 -20.23 5.48
C ASP B 191 -2.68 -21.08 4.96
N LEU B 192 -2.33 -22.28 4.53
CA LEU B 192 -3.29 -23.15 3.85
C LEU B 192 -4.47 -23.47 4.74
N GLU B 193 -4.19 -23.59 6.02
CA GLU B 193 -5.20 -23.87 7.05
C GLU B 193 -6.26 -22.79 7.03
N ASP B 194 -5.82 -21.54 7.02
CA ASP B 194 -6.73 -20.43 7.02
C ASP B 194 -7.58 -20.42 5.76
N VAL B 195 -7.00 -20.86 4.65
CA VAL B 195 -7.76 -20.93 3.41
C VAL B 195 -8.78 -22.05 3.47
N VAL B 196 -8.36 -23.24 3.90
CA VAL B 196 -9.31 -24.35 3.97
C VAL B 196 -10.48 -24.00 4.89
N LYS B 197 -10.20 -23.27 5.96
CA LYS B 197 -11.24 -22.84 6.88
C LYS B 197 -12.24 -21.88 6.22
N ILE B 198 -11.73 -20.93 5.45
CA ILE B 198 -12.59 -19.93 4.85
C ILE B 198 -13.36 -20.49 3.66
N MET B 199 -12.67 -21.25 2.82
CA MET B 199 -13.28 -21.76 1.59
C MET B 199 -14.05 -23.05 1.86
N GLY B 200 -13.70 -23.72 2.95
CA GLY B 200 -14.36 -24.97 3.30
C GLY B 200 -13.56 -26.20 2.91
N SER B 201 -13.54 -27.18 3.81
CA SER B 201 -12.79 -28.42 3.59
C SER B 201 -13.18 -29.15 2.31
N ASP B 202 -14.43 -29.00 1.88
CA ASP B 202 -14.91 -29.73 0.71
C ASP B 202 -14.83 -28.98 -0.62
N TYR B 203 -14.38 -27.73 -0.59
CA TYR B 203 -14.22 -26.93 -1.80
C TYR B 203 -13.33 -27.70 -2.74
N GLU B 204 -13.77 -27.85 -3.99
CA GLU B 204 -12.92 -28.49 -4.99
C GLU B 204 -12.05 -27.48 -5.71
N VAL B 205 -10.79 -27.83 -5.88
CA VAL B 205 -9.86 -26.98 -6.60
C VAL B 205 -9.19 -27.72 -7.75
N ASP B 206 -9.14 -27.08 -8.92
CA ASP B 206 -8.41 -27.67 -10.01
C ASP B 206 -6.95 -27.63 -9.64
N THR B 207 -6.37 -28.82 -9.60
CA THR B 207 -4.98 -29.00 -9.23
C THR B 207 -4.20 -29.55 -10.42
N ILE B 208 -2.99 -29.05 -10.61
CA ILE B 208 -2.06 -29.56 -11.59
C ILE B 208 -1.20 -30.68 -11.02
N ASP B 209 -1.36 -31.88 -11.58
CA ASP B 209 -0.43 -32.96 -11.33
C ASP B 209 0.85 -32.67 -12.14
N VAL B 210 1.74 -31.86 -11.56
CA VAL B 210 2.96 -31.38 -12.23
C VAL B 210 3.65 -32.41 -13.14
N TYR B 211 3.98 -33.57 -12.60
CA TYR B 211 4.73 -34.59 -13.36
C TYR B 211 3.92 -35.20 -14.52
N ASN B 212 2.60 -35.14 -14.42
CA ASN B 212 1.72 -35.68 -15.45
C ASN B 212 1.27 -34.57 -16.40
N GLN B 213 1.70 -33.35 -16.10
CA GLN B 213 1.28 -32.13 -16.79
C GLN B 213 -0.18 -32.17 -17.21
N SER B 214 -1.04 -32.53 -16.26
CA SER B 214 -2.48 -32.53 -16.46
C SER B 214 -3.20 -31.96 -15.24
N THR B 215 -4.44 -31.52 -15.42
CA THR B 215 -5.20 -30.91 -14.35
C THR B 215 -6.38 -31.75 -13.90
N TYR B 216 -6.41 -32.06 -12.60
CA TYR B 216 -7.48 -32.85 -12.01
C TYR B 216 -8.08 -32.08 -10.84
N SER B 217 -9.32 -32.37 -10.51
CA SER B 217 -9.97 -31.74 -9.39
C SER B 217 -9.69 -32.52 -8.11
N MET B 218 -9.66 -31.80 -7.00
CA MET B 218 -9.22 -32.33 -5.73
C MET B 218 -9.88 -31.51 -4.64
N LYS B 219 -10.18 -32.13 -3.50
CA LYS B 219 -10.71 -31.39 -2.37
C LYS B 219 -9.61 -30.55 -1.75
N LEU B 220 -9.94 -29.30 -1.43
CA LEU B 220 -8.95 -28.38 -0.83
C LEU B 220 -8.34 -29.04 0.40
N ASP B 221 -9.18 -29.73 1.15
CA ASP B 221 -8.71 -30.46 2.32
C ASP B 221 -7.66 -31.49 1.91
N THR B 222 -7.95 -32.26 0.85
CA THR B 222 -7.00 -33.27 0.42
C THR B 222 -5.68 -32.62 0.03
N PHE B 223 -5.74 -31.46 -0.62
CA PHE B 223 -4.51 -30.79 -1.04
C PHE B 223 -3.71 -30.46 0.21
N ARG B 224 -4.40 -30.00 1.25
CA ARG B 224 -3.71 -29.64 2.49
C ARG B 224 -2.92 -30.83 3.05
N LYS B 225 -3.59 -31.99 3.11
CA LYS B 225 -2.94 -33.19 3.57
C LYS B 225 -1.66 -33.47 2.78
N LEU B 226 -1.80 -33.54 1.46
CA LEU B 226 -0.64 -33.81 0.63
C LEU B 226 0.43 -32.76 0.85
N PHE B 227 -0.01 -31.50 0.98
CA PHE B 227 0.92 -30.38 1.17
C PHE B 227 1.67 -30.53 2.48
N ARG B 228 0.98 -30.96 3.52
CA ARG B 228 1.61 -31.05 4.83
C ARG B 228 2.47 -32.32 4.96
N ASP B 229 2.35 -33.22 4.00
CA ASP B 229 3.22 -34.40 3.95
C ASP B 229 4.53 -34.12 3.19
N THR B 230 5.50 -33.60 3.92
CA THR B 230 6.78 -33.18 3.40
C THR B 230 7.72 -34.32 3.05
N LYS B 231 7.53 -35.49 3.64
CA LYS B 231 8.43 -36.61 3.41
C LYS B 231 8.03 -37.46 2.20
N ASN B 232 6.73 -37.56 1.95
CA ASN B 232 6.24 -38.40 0.86
C ASN B 232 5.55 -37.64 -0.26
N ARG B 233 6.22 -37.54 -1.40
CA ARG B 233 5.68 -36.81 -2.53
C ARG B 233 5.94 -37.49 -3.86
N PRO B 234 5.30 -38.66 -4.05
CA PRO B 234 5.36 -39.40 -5.30
C PRO B 234 5.10 -38.45 -6.44
N LEU B 235 4.00 -37.72 -6.33
CA LEU B 235 3.64 -36.71 -7.31
C LEU B 235 3.68 -35.36 -6.64
N LEU B 236 3.95 -34.32 -7.42
CA LEU B 236 3.84 -32.96 -6.94
C LEU B 236 2.52 -32.41 -7.42
N TYR B 237 1.89 -31.59 -6.58
CA TYR B 237 0.65 -30.95 -6.96
C TYR B 237 0.74 -29.46 -6.74
N ASN B 238 0.07 -28.69 -7.60
CA ASN B 238 0.20 -27.25 -7.57
C ASN B 238 -1.17 -26.79 -8.02
N PHE B 239 -1.83 -25.87 -7.32
CA PHE B 239 -3.15 -25.53 -7.86
C PHE B 239 -3.29 -24.33 -8.79
N LEU B 240 -4.07 -24.54 -9.84
CA LEU B 240 -4.30 -23.56 -10.87
C LEU B 240 -4.60 -22.21 -10.23
N SER B 241 -5.89 -21.96 -10.09
CA SER B 241 -6.32 -20.69 -9.62
C SER B 241 -7.58 -20.89 -8.81
N LEU B 242 -7.41 -20.74 -7.52
CA LEU B 242 -8.52 -20.75 -6.60
C LEU B 242 -8.95 -19.30 -6.62
N GLU B 243 -10.00 -19.02 -7.38
CA GLU B 243 -10.48 -17.64 -7.53
C GLU B 243 -11.54 -17.36 -6.47
N PHE B 244 -11.23 -16.47 -5.53
CA PHE B 244 -12.08 -16.26 -4.34
C PHE B 244 -12.84 -14.95 -4.31
N SER B 245 -13.03 -14.32 -5.47
CA SER B 245 -13.68 -13.01 -5.47
C SER B 245 -15.16 -13.07 -5.07
N ASP B 246 -15.73 -14.27 -5.05
CA ASP B 246 -17.16 -14.43 -4.74
C ASP B 246 -17.38 -15.03 -3.34
N ASN B 247 -16.28 -15.18 -2.61
CA ASN B 247 -16.36 -15.55 -1.21
C ASN B 247 -16.27 -14.29 -0.35
N ASN B 248 -17.36 -13.97 0.34
CA ASN B 248 -17.48 -12.68 1.03
C ASN B 248 -16.36 -12.40 2.01
N GLU B 249 -15.86 -13.45 2.63
CA GLU B 249 -14.75 -13.32 3.56
C GLU B 249 -13.41 -13.15 2.85
N MET B 250 -13.04 -14.14 2.03
CA MET B 250 -11.77 -14.12 1.27
C MET B 250 -11.51 -12.81 0.52
N LYS B 251 -12.53 -12.31 -0.16
CA LYS B 251 -12.34 -11.16 -1.03
C LYS B 251 -11.84 -9.90 -0.34
N GLU B 252 -11.91 -9.87 1.00
CA GLU B 252 -11.44 -8.71 1.76
C GLU B 252 -10.00 -8.90 2.23
N ILE B 253 -9.51 -10.14 2.19
CA ILE B 253 -8.22 -10.48 2.75
C ILE B 253 -7.04 -10.21 1.80
N ALA B 254 -7.28 -10.44 0.52
CA ALA B 254 -6.24 -10.27 -0.49
C ALA B 254 -6.83 -9.58 -1.71
N LYS B 255 -6.30 -8.39 -2.00
CA LYS B 255 -6.86 -7.52 -3.01
C LYS B 255 -5.77 -7.03 -3.96
N PRO B 256 -6.16 -6.51 -5.13
CA PRO B 256 -5.16 -5.97 -6.06
C PRO B 256 -4.59 -4.66 -5.51
N PRO B 257 -3.34 -4.31 -5.88
CA PRO B 257 -2.83 -2.98 -5.55
C PRO B 257 -3.84 -1.96 -6.02
N ARG B 258 -4.06 -0.91 -5.22
CA ARG B 258 -4.97 0.14 -5.63
C ARG B 258 -4.75 0.55 -7.10
N PHE B 259 -3.50 0.79 -7.48
CA PHE B 259 -3.25 1.24 -8.87
C PHE B 259 -3.86 0.28 -9.90
N VAL B 260 -3.90 -1.01 -9.57
CA VAL B 260 -4.54 -2.00 -10.44
C VAL B 260 -6.04 -1.80 -10.50
N GLN B 261 -6.65 -1.61 -9.33
CA GLN B 261 -8.08 -1.41 -9.26
C GLN B 261 -8.50 -0.21 -10.06
N GLU B 262 -7.66 0.81 -10.09
CA GLU B 262 -8.00 2.04 -10.78
C GLU B 262 -7.97 1.94 -12.31
N ILE B 263 -7.24 0.96 -12.85
CA ILE B 263 -7.14 0.81 -14.32
C ILE B 263 -7.71 -0.51 -14.84
N SER B 264 -8.12 -1.38 -13.93
CA SER B 264 -8.71 -2.64 -14.34
C SER B 264 -10.02 -2.42 -15.08
N MET B 265 -10.08 -2.87 -16.32
CA MET B 265 -11.27 -2.72 -17.15
C MET B 265 -12.46 -3.50 -16.59
N VAL B 266 -12.24 -4.70 -16.09
CA VAL B 266 -13.34 -5.43 -15.46
C VAL B 266 -13.86 -4.67 -14.22
N ASN B 267 -12.95 -4.11 -13.41
CA ASN B 267 -13.33 -3.41 -12.19
C ASN B 267 -14.14 -2.16 -12.50
N ARG B 268 -13.83 -1.53 -13.63
CA ARG B 268 -14.57 -0.36 -14.11
C ARG B 268 -16.01 -0.72 -14.49
N LEU B 269 -16.22 -1.92 -15.03
CA LEU B 269 -17.55 -2.29 -15.51
C LEU B 269 -18.35 -3.08 -14.49
N TRP B 270 -17.65 -3.74 -13.57
CA TRP B 270 -18.28 -4.51 -12.50
C TRP B 270 -17.66 -4.09 -11.17
N PRO B 271 -18.00 -2.89 -10.71
CA PRO B 271 -17.40 -2.49 -9.45
C PRO B 271 -17.90 -3.40 -8.33
N ASP B 272 -17.13 -3.46 -7.27
CA ASP B 272 -17.37 -4.37 -6.16
C ASP B 272 -18.83 -4.28 -5.69
N VAL B 273 -19.48 -5.43 -5.57
CA VAL B 273 -20.90 -5.49 -5.23
C VAL B 273 -21.21 -4.81 -3.89
N SER B 274 -20.17 -4.58 -3.08
CA SER B 274 -20.33 -4.01 -1.76
C SER B 274 -19.96 -2.52 -1.70
N GLY B 275 -19.37 -2.03 -2.77
CA GLY B 275 -18.98 -0.62 -2.84
C GLY B 275 -20.13 0.30 -3.16
N GLU B 277 -23.13 2.07 -2.27
CA GLU B 277 -24.42 1.66 -2.79
C GLU B 277 -24.30 1.25 -4.25
N TYR B 278 -23.91 0.00 -4.46
CA TYR B 278 -23.83 -0.57 -5.79
C TYR B 278 -25.21 -0.69 -6.42
N ILE B 279 -26.26 -0.68 -5.58
CA ILE B 279 -27.64 -0.71 -6.11
C ILE B 279 -27.97 0.63 -6.76
N LYS B 280 -27.27 1.69 -6.35
CA LYS B 280 -27.36 2.98 -7.02
C LYS B 280 -26.22 3.13 -8.03
N LEU B 281 -25.14 2.40 -7.78
CA LEU B 281 -24.24 2.08 -8.88
C LEU B 281 -25.14 1.38 -9.91
N LEU B 282 -26.15 0.67 -9.42
CA LEU B 282 -27.09 -0.06 -10.27
C LEU B 282 -28.28 0.82 -10.68
N GLN B 283 -28.85 1.52 -9.70
CA GLN B 283 -30.00 2.41 -9.89
C GLN B 283 -29.74 3.40 -11.00
N ARG B 284 -29.75 2.88 -12.22
CA ARG B 284 -29.29 3.60 -13.39
C ARG B 284 -29.24 2.55 -14.49
N GLU B 285 -28.35 2.77 -15.44
CA GLU B 285 -28.13 1.84 -16.55
C GLU B 285 -27.08 0.80 -16.16
N GLU B 286 -26.40 1.05 -15.06
CA GLU B 286 -25.14 0.37 -14.79
C GLU B 286 -25.23 -1.14 -14.52
N TYR B 287 -24.58 -1.56 -13.43
CA TYR B 287 -24.11 -2.93 -13.26
C TYR B 287 -24.55 -3.94 -14.32
N LEU B 288 -23.57 -4.73 -14.73
CA LEU B 288 -23.78 -5.76 -15.71
C LEU B 288 -24.04 -7.06 -14.96
N PRO B 289 -24.82 -7.95 -15.57
CA PRO B 289 -25.11 -9.27 -14.98
C PRO B 289 -23.87 -9.80 -14.29
N GLU B 290 -24.00 -10.24 -13.05
CA GLU B 290 -22.84 -10.72 -12.32
C GLU B 290 -22.28 -12.01 -12.89
N ASP B 291 -23.11 -12.75 -13.62
CA ASP B 291 -22.67 -14.03 -14.18
C ASP B 291 -21.79 -13.83 -15.44
N GLN B 292 -21.82 -12.61 -15.97
CA GLN B 292 -21.04 -12.25 -17.13
C GLN B 292 -19.66 -11.68 -16.75
N ARG B 293 -19.45 -11.43 -15.47
CA ARG B 293 -18.18 -10.87 -15.04
C ARG B 293 -17.02 -11.87 -15.21
N PRO B 294 -15.97 -11.46 -15.93
CA PRO B 294 -14.77 -12.30 -15.95
C PRO B 294 -14.25 -12.37 -14.53
N LYS B 295 -13.96 -13.56 -14.07
CA LYS B 295 -13.65 -13.73 -12.66
C LYS B 295 -12.22 -14.23 -12.53
N VAL B 296 -11.28 -13.31 -12.59
CA VAL B 296 -9.87 -13.70 -12.69
C VAL B 296 -8.94 -12.74 -11.95
N GLU B 297 -9.52 -11.77 -11.25
CA GLU B 297 -8.73 -10.73 -10.60
C GLU B 297 -8.28 -11.05 -9.16
N GLN B 298 -8.74 -12.16 -8.58
CA GLN B 298 -8.33 -12.53 -7.23
C GLN B 298 -8.16 -14.03 -7.08
N PHE B 299 -6.94 -14.52 -7.28
CA PHE B 299 -6.69 -15.95 -7.15
C PHE B 299 -5.77 -16.26 -5.99
N CYS B 300 -5.81 -17.50 -5.54
CA CYS B 300 -4.86 -17.96 -4.54
C CYS B 300 -4.14 -19.09 -5.21
N LEU B 301 -2.82 -19.18 -5.06
CA LEU B 301 -2.07 -20.29 -5.65
C LEU B 301 -1.19 -20.91 -4.59
N ALA B 302 -1.17 -22.23 -4.53
CA ALA B 302 -0.27 -22.92 -3.63
C ALA B 302 0.41 -24.02 -4.40
N GLY B 303 1.70 -24.21 -4.17
CA GLY B 303 2.43 -25.24 -4.88
C GLY B 303 3.57 -25.85 -4.10
N MET B 304 3.93 -27.07 -4.46
CA MET B 304 4.99 -27.78 -3.79
C MET B 304 6.36 -27.47 -4.37
N ALA B 305 7.39 -27.66 -3.55
CA ALA B 305 8.76 -27.48 -3.95
C ALA B 305 9.05 -28.38 -5.14
N GLY B 306 9.59 -27.80 -6.20
CA GLY B 306 9.95 -28.58 -7.38
C GLY B 306 8.83 -28.53 -8.38
N SER B 307 7.82 -27.71 -8.11
CA SER B 307 6.76 -27.47 -9.09
C SER B 307 7.27 -26.65 -10.27
N TYR B 308 6.72 -26.89 -11.46
CA TYR B 308 7.11 -26.19 -12.68
C TYR B 308 5.92 -25.90 -13.57
N THR B 309 5.80 -24.65 -14.00
CA THR B 309 4.73 -24.26 -14.91
C THR B 309 5.39 -23.78 -16.19
N ASP B 310 5.07 -24.44 -17.31
CA ASP B 310 5.80 -24.18 -18.56
C ASP B 310 5.39 -22.85 -19.21
N PHE B 311 6.10 -22.49 -20.27
CA PHE B 311 5.95 -21.18 -20.89
C PHE B 311 4.54 -20.92 -21.40
N HIS B 312 4.07 -19.70 -21.18
CA HIS B 312 2.76 -19.29 -21.65
C HIS B 312 2.67 -17.77 -21.60
N VAL B 313 1.65 -17.25 -22.26
CA VAL B 313 1.30 -15.86 -22.14
C VAL B 313 -0.06 -15.86 -21.47
N ASP B 314 -0.26 -14.96 -20.52
CA ASP B 314 -1.47 -14.99 -19.71
C ASP B 314 -2.65 -14.71 -20.61
N PHE B 315 -3.76 -15.36 -20.33
CA PHE B 315 -4.93 -15.28 -21.21
C PHE B 315 -5.38 -13.85 -21.51
N GLY B 316 -5.81 -13.64 -22.75
CA GLY B 316 -6.29 -12.33 -23.17
C GLY B 316 -5.20 -11.27 -23.19
N GLY B 317 -3.93 -11.69 -23.09
CA GLY B 317 -2.85 -10.73 -22.93
C GLY B 317 -3.00 -9.91 -21.63
N SER B 318 -3.57 -10.51 -20.59
CA SER B 318 -3.76 -9.76 -19.33
C SER B 318 -2.47 -9.54 -18.58
N SER B 319 -2.42 -8.46 -17.81
CA SER B 319 -1.34 -8.19 -16.86
C SER B 319 -1.65 -8.91 -15.54
N VAL B 320 -0.62 -9.08 -14.70
CA VAL B 320 -0.76 -9.78 -13.43
C VAL B 320 -0.09 -9.04 -12.29
N TYR B 321 -0.74 -9.07 -11.13
CA TYR B 321 -0.03 -8.84 -9.88
C TYR B 321 0.12 -10.17 -9.20
N TYR B 322 1.21 -10.29 -8.44
CA TYR B 322 1.60 -11.57 -7.91
C TYR B 322 2.36 -11.38 -6.61
N HIS B 323 1.74 -11.70 -5.47
CA HIS B 323 2.40 -11.53 -4.16
C HIS B 323 2.74 -12.85 -3.43
N ILE B 324 4.02 -13.08 -3.17
CA ILE B 324 4.47 -14.29 -2.49
C ILE B 324 4.27 -14.17 -0.97
N LEU B 325 3.17 -14.72 -0.45
CA LEU B 325 2.93 -14.72 0.99
C LEU B 325 3.94 -15.66 1.64
N LYS B 326 4.08 -16.85 1.07
CA LYS B 326 5.00 -17.82 1.61
C LYS B 326 5.74 -18.53 0.49
N GLY B 327 7.06 -18.64 0.63
CA GLY B 327 7.83 -19.44 -0.29
C GLY B 327 8.68 -18.64 -1.24
N GLU B 328 8.83 -19.15 -2.47
CA GLU B 328 9.75 -18.55 -3.42
C GLU B 328 9.37 -19.00 -4.84
N LYS B 329 9.44 -18.07 -5.79
CA LYS B 329 9.22 -18.38 -7.19
C LYS B 329 10.38 -17.89 -8.03
N ILE B 330 10.68 -18.62 -9.09
CA ILE B 330 11.61 -18.12 -10.08
C ILE B 330 10.89 -18.05 -11.41
N PHE B 331 10.86 -16.85 -11.98
CA PHE B 331 10.23 -16.63 -13.26
C PHE B 331 11.30 -16.56 -14.35
N TYR B 332 10.98 -17.23 -15.47
CA TYR B 332 11.74 -17.18 -16.71
C TYR B 332 10.86 -16.47 -17.74
N ILE B 333 11.27 -15.27 -18.11
CA ILE B 333 10.41 -14.39 -18.88
C ILE B 333 11.08 -13.93 -20.18
N ALA B 334 10.26 -13.60 -21.18
CA ALA B 334 10.77 -13.10 -22.44
C ALA B 334 9.89 -11.96 -22.88
N ALA B 335 10.50 -10.88 -23.36
CA ALA B 335 9.75 -9.69 -23.78
C ALA B 335 8.78 -9.97 -24.96
N PRO B 336 7.69 -9.19 -25.05
CA PRO B 336 6.64 -9.47 -26.03
C PRO B 336 6.89 -8.88 -27.42
N THR B 337 8.04 -9.16 -27.99
CA THR B 337 8.32 -8.69 -29.33
C THR B 337 7.66 -9.61 -30.36
N GLU B 338 7.40 -9.08 -31.56
CA GLU B 338 6.81 -9.91 -32.61
C GLU B 338 7.65 -11.18 -32.76
N GLN B 339 8.97 -11.03 -32.73
CA GLN B 339 9.84 -12.17 -32.97
C GLN B 339 9.71 -13.23 -31.86
N ASN B 340 9.68 -12.78 -30.60
CA ASN B 340 9.46 -13.71 -29.50
C ASN B 340 8.11 -14.35 -29.57
N PHE B 341 7.10 -13.62 -30.03
CA PHE B 341 5.78 -14.22 -30.20
C PHE B 341 5.81 -15.27 -31.31
N ALA B 342 6.46 -14.93 -32.42
CA ALA B 342 6.60 -15.89 -33.52
C ALA B 342 7.27 -17.15 -33.01
N ALA B 343 8.36 -17.01 -32.29
CA ALA B 343 9.05 -18.20 -31.80
C ALA B 343 8.19 -19.00 -30.81
N TYR B 344 7.56 -18.29 -29.88
CA TYR B 344 6.70 -18.96 -28.91
C TYR B 344 5.58 -19.71 -29.60
N GLN B 345 5.01 -19.09 -30.62
CA GLN B 345 3.96 -19.73 -31.39
C GLN B 345 4.44 -21.05 -32.05
N ALA B 346 5.66 -21.06 -32.56
CA ALA B 346 6.15 -22.28 -33.19
C ALA B 346 6.37 -23.35 -32.13
N HIS B 347 6.91 -22.94 -30.98
CA HIS B 347 7.14 -23.88 -29.88
C HIS B 347 5.85 -24.53 -29.39
N GLU B 348 4.79 -23.73 -29.32
CA GLU B 348 3.49 -24.17 -28.83
C GLU B 348 2.74 -25.07 -29.79
N THR B 349 2.90 -24.84 -31.09
CA THR B 349 2.13 -25.64 -32.04
C THR B 349 2.87 -26.90 -32.46
N SER B 350 4.11 -27.03 -31.97
CA SER B 350 4.96 -28.18 -32.26
C SER B 350 4.66 -29.33 -31.33
N PRO B 351 4.64 -30.56 -31.87
CA PRO B 351 4.30 -31.76 -31.10
C PRO B 351 5.47 -32.14 -30.21
N ASP B 352 6.65 -31.59 -30.47
CA ASP B 352 7.80 -31.79 -29.61
C ASP B 352 7.46 -31.40 -28.17
N THR B 353 7.97 -32.18 -27.23
CA THR B 353 7.70 -31.99 -25.81
C THR B 353 9.00 -32.10 -25.03
N THR B 354 10.11 -32.28 -25.75
CA THR B 354 11.39 -32.60 -25.14
C THR B 354 12.33 -31.42 -25.06
N THR B 355 11.90 -30.30 -25.63
CA THR B 355 12.74 -29.10 -25.77
C THR B 355 12.20 -27.92 -24.97
N TRP B 356 13.07 -27.28 -24.19
CA TRP B 356 12.69 -26.15 -23.32
C TRP B 356 12.66 -24.89 -24.16
N PHE B 357 11.55 -24.16 -24.14
CA PHE B 357 11.46 -22.99 -24.97
C PHE B 357 12.66 -22.05 -24.79
N GLY B 358 13.17 -21.93 -23.57
CA GLY B 358 14.31 -21.09 -23.33
C GLY B 358 15.53 -21.45 -24.17
N ASP B 359 15.67 -22.73 -24.49
CA ASP B 359 16.86 -23.21 -25.21
C ASP B 359 16.87 -22.87 -26.69
N ILE B 360 15.70 -22.50 -27.23
CA ILE B 360 15.57 -22.18 -28.65
C ILE B 360 15.11 -20.75 -28.86
N ALA B 361 15.22 -19.94 -27.82
CA ALA B 361 14.65 -18.59 -27.80
C ALA B 361 15.68 -17.54 -28.14
N ASN B 362 16.81 -17.96 -28.70
CA ASN B 362 17.88 -17.03 -29.05
C ASN B 362 18.22 -16.02 -27.95
N GLY B 363 18.14 -16.46 -26.69
CA GLY B 363 18.58 -15.66 -25.58
C GLY B 363 17.58 -14.64 -25.07
N ALA B 364 16.32 -14.75 -25.49
CA ALA B 364 15.28 -13.85 -25.00
C ALA B 364 14.90 -14.09 -23.52
N VAL B 365 15.05 -15.32 -23.08
CA VAL B 365 14.54 -15.72 -21.78
C VAL B 365 15.50 -15.30 -20.68
N LYS B 366 14.94 -14.54 -19.73
CA LYS B 366 15.69 -14.00 -18.59
C LYS B 366 15.12 -14.56 -17.28
N ARG B 367 15.90 -14.46 -16.20
CA ARG B 367 15.53 -15.10 -14.95
C ARG B 367 15.36 -14.10 -13.83
N VAL B 368 14.19 -14.11 -13.21
CA VAL B 368 13.95 -13.25 -12.10
C VAL B 368 13.45 -14.05 -10.91
N VAL B 369 14.06 -13.81 -9.75
CA VAL B 369 13.69 -14.51 -8.52
C VAL B 369 12.86 -13.59 -7.62
N ILE B 370 11.74 -14.12 -7.16
CA ILE B 370 10.83 -13.41 -6.28
C ILE B 370 10.69 -14.25 -5.04
N LYS B 371 11.06 -13.66 -3.90
CA LYS B 371 11.10 -14.37 -2.64
C LYS B 371 9.94 -13.93 -1.74
N GLU B 372 9.79 -14.61 -0.61
CA GLU B 372 8.70 -14.35 0.31
C GLU B 372 8.65 -12.85 0.65
N GLY B 373 7.45 -12.28 0.66
CA GLY B 373 7.29 -10.86 0.97
C GLY B 373 7.33 -9.98 -0.28
N GLN B 374 7.83 -10.53 -1.37
CA GLN B 374 8.07 -9.74 -2.58
C GLN B 374 6.92 -9.85 -3.59
N THR B 375 6.80 -8.85 -4.45
CA THR B 375 5.64 -8.73 -5.33
C THR B 375 6.09 -8.49 -6.77
N LEU B 376 5.51 -9.26 -7.70
CA LEU B 376 5.83 -9.13 -9.11
C LEU B 376 4.67 -8.47 -9.86
N LEU B 377 4.99 -7.56 -10.78
CA LEU B 377 3.97 -6.86 -11.53
C LEU B 377 4.31 -7.00 -13.01
N ILE B 378 3.50 -7.76 -13.74
CA ILE B 378 3.76 -8.04 -15.15
C ILE B 378 2.69 -7.44 -16.06
N PRO B 379 3.10 -6.61 -17.04
CA PRO B 379 2.15 -6.03 -18.00
C PRO B 379 1.91 -6.99 -19.17
N ALA B 380 1.08 -6.59 -20.13
CA ALA B 380 0.57 -7.51 -21.15
C ALA B 380 1.67 -8.17 -22.00
N GLY B 381 1.48 -9.46 -22.30
CA GLY B 381 2.23 -10.15 -23.33
C GLY B 381 3.48 -10.91 -22.92
N TRP B 382 4.04 -10.59 -21.77
CA TRP B 382 5.27 -11.22 -21.32
C TRP B 382 5.11 -12.74 -21.32
N ILE B 383 6.04 -13.42 -21.97
CA ILE B 383 6.06 -14.86 -22.09
C ILE B 383 6.81 -15.33 -20.85
N HIS B 384 6.28 -16.33 -20.14
CA HIS B 384 6.87 -16.71 -18.88
C HIS B 384 6.59 -18.13 -18.42
N ALA B 385 7.56 -18.70 -17.72
CA ALA B 385 7.41 -20.01 -17.13
C ALA B 385 7.84 -19.84 -15.68
N VAL B 386 7.45 -20.77 -14.82
CA VAL B 386 7.73 -20.63 -13.40
C VAL B 386 8.16 -21.91 -12.70
N LEU B 387 9.27 -21.81 -11.98
CA LEU B 387 9.71 -22.89 -11.09
C LEU B 387 9.38 -22.47 -9.65
N THR B 388 9.03 -23.44 -8.83
CA THR B 388 8.68 -23.24 -7.44
C THR B 388 9.63 -24.08 -6.59
N PRO B 389 10.78 -23.52 -6.20
CA PRO B 389 11.88 -24.27 -5.61
C PRO B 389 11.59 -24.68 -4.17
N VAL B 390 10.45 -24.24 -3.66
CA VAL B 390 10.17 -24.29 -2.23
C VAL B 390 8.66 -24.12 -1.97
N ASP B 391 8.11 -24.91 -1.04
CA ASP B 391 6.67 -24.86 -0.78
C ASP B 391 6.21 -23.41 -0.77
N SER B 392 5.08 -23.11 -1.41
CA SER B 392 4.69 -21.71 -1.55
C SER B 392 3.21 -21.44 -1.49
N LEU B 393 2.88 -20.23 -1.06
CA LEU B 393 1.51 -19.76 -1.07
C LEU B 393 1.56 -18.36 -1.66
N VAL B 394 0.72 -18.10 -2.66
CA VAL B 394 0.77 -16.84 -3.40
C VAL B 394 -0.62 -16.28 -3.58
N PHE B 395 -0.73 -14.97 -3.60
CA PHE B 395 -1.98 -14.31 -3.96
C PHE B 395 -1.76 -13.45 -5.18
N GLY B 396 -2.59 -13.64 -6.20
CA GLY B 396 -2.37 -13.01 -7.49
C GLY B 396 -3.66 -12.58 -8.15
N GLY B 397 -3.55 -12.08 -9.37
CA GLY B 397 -4.73 -11.68 -10.11
C GLY B 397 -4.41 -11.14 -11.49
N ASN B 398 -5.30 -11.42 -12.44
CA ASN B 398 -5.16 -10.99 -13.82
C ASN B 398 -6.12 -9.87 -14.16
N PHE B 399 -5.68 -8.96 -15.02
CA PHE B 399 -6.50 -7.81 -15.39
C PHE B 399 -6.16 -7.23 -16.76
N LEU B 400 -7.15 -6.61 -17.39
CA LEU B 400 -6.91 -5.89 -18.64
C LEU B 400 -6.92 -4.41 -18.36
N HIS B 401 -6.13 -3.66 -19.12
CA HIS B 401 -6.17 -2.21 -18.96
C HIS B 401 -5.91 -1.49 -20.26
N LEU B 402 -6.49 -0.30 -20.33
CA LEU B 402 -6.51 0.48 -21.54
C LEU B 402 -5.10 0.82 -22.00
N GLY B 403 -4.15 0.91 -21.08
CA GLY B 403 -2.80 1.28 -21.43
C GLY B 403 -2.04 0.19 -22.16
N ASN B 404 -2.58 -1.02 -22.13
CA ASN B 404 -2.00 -2.15 -22.86
C ASN B 404 -2.97 -2.71 -23.90
N LEU B 405 -3.90 -1.87 -24.35
CA LEU B 405 -4.92 -2.30 -25.28
C LEU B 405 -4.31 -2.97 -26.54
N GLU B 406 -3.34 -2.32 -27.16
CA GLU B 406 -2.70 -2.85 -28.37
C GLU B 406 -2.12 -4.23 -28.13
N MET B 407 -1.35 -4.35 -27.06
CA MET B 407 -0.68 -5.59 -26.74
C MET B 407 -1.69 -6.68 -26.41
N GLN B 408 -2.81 -6.30 -25.79
CA GLN B 408 -3.84 -7.27 -25.42
C GLN B 408 -4.46 -7.83 -26.71
N MET B 409 -4.75 -6.96 -27.66
CA MET B 409 -5.31 -7.44 -28.93
C MET B 409 -4.30 -8.33 -29.67
N ARG B 410 -3.01 -7.97 -29.61
CA ARG B 410 -1.95 -8.77 -30.24
C ARG B 410 -1.97 -10.17 -29.68
N VAL B 411 -2.14 -10.29 -28.37
CA VAL B 411 -2.07 -11.58 -27.72
C VAL B 411 -3.30 -12.38 -28.03
N TYR B 412 -4.44 -11.68 -28.04
CA TYR B 412 -5.67 -12.31 -28.47
C TYR B 412 -5.49 -12.94 -29.90
N HIS B 413 -4.83 -12.22 -30.78
CA HIS B 413 -4.60 -12.75 -32.16
C HIS B 413 -3.75 -14.02 -32.09
N LEU B 414 -2.68 -13.95 -31.30
CA LEU B 414 -1.76 -15.07 -31.13
C LEU B 414 -2.52 -16.30 -30.67
N GLU B 415 -3.35 -16.12 -29.64
CA GLU B 415 -4.16 -17.20 -29.10
C GLU B 415 -5.03 -17.81 -30.17
N ASN B 416 -5.75 -16.96 -30.88
CA ASN B 416 -6.65 -17.46 -31.89
C ASN B 416 -5.83 -18.27 -32.91
N ALA B 417 -4.62 -17.81 -33.22
CA ALA B 417 -3.81 -18.48 -34.26
C ALA B 417 -3.33 -19.84 -33.79
N ILE B 418 -2.85 -19.89 -32.55
CA ILE B 418 -2.42 -21.12 -31.91
C ILE B 418 -3.58 -22.10 -31.78
N ARG B 419 -4.77 -21.58 -31.54
CA ARG B 419 -5.95 -22.45 -31.42
C ARG B 419 -6.31 -23.17 -32.73
N LYS B 420 -6.07 -22.52 -33.85
CA LYS B 420 -6.33 -23.14 -35.15
C LYS B 420 -5.30 -24.22 -35.49
N GLU B 421 -4.11 -24.12 -34.91
CA GLU B 421 -3.01 -25.00 -35.29
C GLU B 421 -3.05 -26.32 -34.53
N ILE B 422 -3.32 -26.25 -33.23
CA ILE B 422 -3.54 -27.46 -32.45
C ILE B 422 -4.83 -27.39 -31.67
N ARG B 423 -5.73 -28.34 -31.94
CA ARG B 423 -6.98 -28.43 -31.20
C ARG B 423 -6.69 -28.89 -29.78
N SER B 424 -6.93 -28.01 -28.82
CA SER B 424 -6.75 -28.32 -27.41
C SER B 424 -7.64 -27.42 -26.55
N GLU B 425 -8.92 -27.76 -26.50
CA GLU B 425 -9.88 -26.99 -25.73
C GLU B 425 -9.59 -27.03 -24.23
N GLU B 426 -8.48 -27.68 -23.87
CA GLU B 426 -8.03 -27.71 -22.47
C GLU B 426 -7.33 -26.41 -22.08
N LYS B 427 -7.14 -25.52 -23.05
CA LYS B 427 -6.58 -24.20 -22.78
C LYS B 427 -7.66 -23.24 -22.29
N PHE B 428 -7.32 -22.42 -21.32
CA PHE B 428 -8.27 -21.45 -20.80
C PHE B 428 -8.00 -20.09 -21.43
N TYR B 429 -9.05 -19.44 -21.93
CA TYR B 429 -8.91 -18.11 -22.52
C TYR B 429 -9.73 -17.07 -21.76
N PHE B 430 -9.39 -15.79 -21.91
CA PHE B 430 -10.03 -14.77 -21.09
C PHE B 430 -11.54 -14.80 -21.25
N PRO B 431 -12.28 -15.12 -20.17
CA PRO B 431 -13.74 -15.27 -20.25
C PRO B 431 -14.41 -14.01 -20.76
N ASN B 432 -15.32 -14.13 -21.73
CA ASN B 432 -16.08 -12.99 -22.25
C ASN B 432 -15.21 -11.86 -22.76
N PHE B 433 -14.06 -12.20 -23.34
CA PHE B 433 -13.11 -11.20 -23.79
C PHE B 433 -13.78 -10.16 -24.66
N GLU B 434 -14.54 -10.61 -25.66
CA GLU B 434 -15.13 -9.66 -26.60
C GLU B 434 -16.27 -8.86 -25.95
N LEU B 435 -17.16 -9.55 -25.25
CA LEU B 435 -18.28 -8.91 -24.56
C LEU B 435 -17.81 -7.74 -23.69
N LEU B 436 -16.81 -8.00 -22.87
CA LEU B 436 -16.20 -6.95 -22.05
C LEU B 436 -15.90 -5.74 -22.90
N HIS B 437 -15.41 -5.95 -24.12
CA HIS B 437 -15.02 -4.82 -24.93
C HIS B 437 -16.23 -4.10 -25.47
N TRP B 438 -17.25 -4.87 -25.84
CA TRP B 438 -18.50 -4.27 -26.29
C TRP B 438 -19.05 -3.37 -25.19
N MET B 439 -19.09 -3.92 -23.98
CA MET B 439 -19.58 -3.19 -22.83
C MET B 439 -18.70 -1.99 -22.54
N TYR B 440 -17.39 -2.19 -22.54
CA TYR B 440 -16.49 -1.06 -22.30
C TYR B 440 -16.66 0.04 -23.35
N MET B 441 -16.69 -0.34 -24.63
CA MET B 441 -16.95 0.63 -25.68
C MET B 441 -18.27 1.35 -25.43
N ARG B 442 -19.31 0.57 -25.13
CA ARG B 442 -20.66 1.11 -24.96
C ARG B 442 -20.79 2.02 -23.76
N ASN B 443 -20.36 1.52 -22.61
CA ASN B 443 -20.63 2.17 -21.35
C ASN B 443 -19.62 3.26 -21.01
N VAL B 444 -18.38 3.09 -21.46
CA VAL B 444 -17.32 4.01 -21.04
C VAL B 444 -16.89 4.96 -22.14
N LEU B 445 -16.32 4.39 -23.20
CA LEU B 445 -15.70 5.17 -24.25
C LEU B 445 -16.73 5.99 -25.04
N LEU B 446 -17.78 5.34 -25.51
CA LEU B 446 -18.82 6.04 -26.27
C LEU B 446 -19.38 7.23 -25.47
N GLU B 447 -19.54 7.06 -24.15
CA GLU B 447 -20.07 8.15 -23.34
C GLU B 447 -19.09 9.32 -23.33
N LYS B 448 -17.81 9.04 -23.12
CA LYS B 448 -16.80 10.09 -23.08
C LYS B 448 -16.75 10.87 -24.39
N ILE B 449 -16.84 10.14 -25.51
CA ILE B 449 -16.85 10.78 -26.83
C ILE B 449 -18.10 11.61 -27.06
N THR B 450 -19.25 11.03 -26.73
CA THR B 450 -20.53 11.72 -26.90
C THR B 450 -20.59 12.99 -26.07
N GLU B 451 -19.92 12.98 -24.93
CA GLU B 451 -19.99 14.14 -24.06
C GLU B 451 -19.06 15.23 -24.54
N ALA B 452 -17.89 14.84 -25.04
CA ALA B 452 -16.99 15.83 -25.60
C ALA B 452 -17.68 16.47 -26.79
N ASN B 453 -18.42 15.67 -27.55
CA ASN B 453 -19.15 16.18 -28.71
C ASN B 453 -20.22 17.20 -28.35
N GLN B 454 -21.08 16.82 -27.41
CA GLN B 454 -22.15 17.71 -26.95
C GLN B 454 -21.66 19.10 -26.61
N GLU B 455 -20.49 19.19 -25.97
CA GLU B 455 -19.96 20.49 -25.56
C GLU B 455 -18.92 21.06 -26.52
N GLY B 456 -18.81 20.45 -27.70
CA GLY B 456 -17.91 20.92 -28.73
C GLY B 456 -16.44 20.93 -28.34
N SER B 457 -16.06 20.03 -27.44
CA SER B 457 -14.66 19.94 -26.99
C SER B 457 -13.82 19.07 -27.92
N ASP B 458 -12.53 19.39 -27.99
CA ASP B 458 -11.57 18.64 -28.78
C ASP B 458 -10.78 17.73 -27.83
N MET B 459 -11.05 16.42 -27.94
CA MET B 459 -10.63 15.45 -26.94
C MET B 459 -9.12 15.35 -26.80
N ARG B 460 -8.39 15.89 -27.76
CA ARG B 460 -6.93 15.84 -27.69
C ARG B 460 -6.41 16.77 -26.62
N GLU B 461 -7.22 17.75 -26.23
CA GLU B 461 -6.82 18.73 -25.21
C GLU B 461 -6.71 18.12 -23.82
N GLN B 462 -7.75 17.42 -23.39
CA GLN B 462 -7.79 16.89 -22.03
C GLN B 462 -7.86 15.36 -21.99
N GLU B 463 -8.42 14.76 -23.04
CA GLU B 463 -8.64 13.31 -23.05
C GLU B 463 -8.04 12.61 -24.27
N LYS B 464 -6.81 12.95 -24.64
CA LYS B 464 -6.22 12.35 -25.83
C LYS B 464 -6.12 10.83 -25.68
N ASN B 465 -5.73 10.40 -24.47
CA ASN B 465 -5.62 8.99 -24.13
C ASN B 465 -6.93 8.21 -24.36
N ILE B 466 -8.04 8.78 -23.93
CA ILE B 466 -9.34 8.17 -24.14
C ILE B 466 -9.66 8.09 -25.63
N TRP B 467 -9.38 9.19 -26.31
CA TRP B 467 -9.64 9.28 -27.75
C TRP B 467 -8.87 8.24 -28.57
N THR B 468 -7.57 8.11 -28.32
CA THR B 468 -6.80 7.18 -29.12
C THR B 468 -7.17 5.72 -28.79
N ALA B 469 -7.47 5.46 -27.51
CA ALA B 469 -7.93 4.13 -27.12
C ALA B 469 -9.25 3.74 -27.77
N SER B 470 -10.13 4.73 -27.97
CA SER B 470 -11.40 4.47 -28.64
C SER B 470 -11.15 4.06 -30.08
N GLN B 471 -10.23 4.77 -30.74
CA GLN B 471 -9.95 4.51 -32.15
C GLN B 471 -9.35 3.12 -32.31
N ILE B 472 -8.34 2.84 -31.51
CA ILE B 472 -7.73 1.52 -31.50
C ILE B 472 -8.78 0.45 -31.24
N MET B 473 -9.53 0.57 -30.14
CA MET B 473 -10.50 -0.48 -29.82
C MET B 473 -11.56 -0.62 -30.92
N LYS B 474 -12.08 0.50 -31.39
CA LYS B 474 -13.06 0.48 -32.48
C LYS B 474 -12.56 -0.32 -33.70
N ALA B 475 -11.32 -0.06 -34.11
CA ALA B 475 -10.76 -0.71 -35.30
C ALA B 475 -10.71 -2.23 -35.11
N GLU B 476 -10.42 -2.67 -33.88
CA GLU B 476 -10.37 -4.09 -33.61
C GLU B 476 -11.77 -4.66 -33.70
N MET B 477 -12.71 -3.90 -33.17
CA MET B 477 -14.07 -4.37 -33.07
C MET B 477 -14.72 -4.44 -34.46
N GLU B 478 -14.28 -3.59 -35.37
CA GLU B 478 -14.75 -3.62 -36.76
C GLU B 478 -14.41 -4.93 -37.47
N ARG B 479 -13.24 -5.47 -37.16
CA ARG B 479 -12.86 -6.78 -37.62
C ARG B 479 -13.80 -7.84 -37.04
N TRP B 480 -14.11 -7.73 -35.75
CA TRP B 480 -14.98 -8.70 -35.10
C TRP B 480 -16.34 -8.71 -35.77
N MET B 481 -16.89 -7.53 -35.99
CA MET B 481 -18.19 -7.37 -36.64
C MET B 481 -18.16 -8.06 -38.01
N ASP B 482 -17.28 -7.58 -38.87
CA ASP B 482 -17.13 -8.15 -40.20
C ASP B 482 -16.98 -9.67 -40.17
N ARG B 483 -16.05 -10.15 -39.34
CA ARG B 483 -15.89 -11.58 -39.10
C ARG B 483 -17.23 -12.23 -38.78
N GLU B 484 -17.96 -11.62 -37.86
CA GLU B 484 -19.22 -12.20 -37.39
C GLU B 484 -20.27 -12.20 -38.49
N LEU B 485 -20.08 -11.35 -39.48
CA LEU B 485 -21.06 -11.21 -40.54
C LEU B 485 -20.74 -12.13 -41.69
N ARG B 486 -19.45 -12.37 -41.91
CA ARG B 486 -19.02 -13.31 -42.93
C ARG B 486 -19.19 -14.76 -42.47
N LEU B 487 -19.20 -15.00 -41.15
CA LEU B 487 -19.21 -16.37 -40.65
C LEU B 487 -20.27 -16.66 -39.60
N GLY B 488 -21.12 -15.67 -39.31
CA GLY B 488 -22.08 -15.82 -38.22
C GLY B 488 -21.40 -15.61 -36.88
N PRO B 489 -22.19 -15.68 -35.79
CA PRO B 489 -21.68 -15.47 -34.43
C PRO B 489 -21.06 -16.69 -33.77
N GLU B 490 -19.99 -16.47 -33.01
CA GLU B 490 -19.35 -17.50 -32.19
C GLU B 490 -20.39 -18.17 -31.27
N LYS B 491 -20.13 -19.40 -30.87
CA LYS B 491 -21.09 -20.16 -30.06
C LYS B 491 -21.28 -19.53 -28.68
N ASN B 492 -20.20 -18.99 -28.15
CA ASN B 492 -20.21 -18.40 -26.81
C ASN B 492 -20.63 -16.94 -26.80
N ALA B 493 -21.16 -16.46 -27.93
CA ALA B 493 -21.61 -15.08 -28.03
C ALA B 493 -22.79 -14.84 -27.10
N ILE B 494 -22.63 -13.81 -26.24
CA ILE B 494 -23.64 -13.43 -25.27
C ILE B 494 -24.51 -12.30 -25.82
N LEU B 495 -23.85 -11.36 -26.50
CA LEU B 495 -24.49 -10.16 -27.00
C LEU B 495 -24.96 -10.38 -28.44
N PRO B 496 -26.26 -10.18 -28.70
CA PRO B 496 -26.83 -10.44 -30.03
C PRO B 496 -26.20 -9.62 -31.13
N THR B 497 -26.10 -10.21 -32.33
CA THR B 497 -25.53 -9.53 -33.49
C THR B 497 -26.12 -8.14 -33.65
N ASP B 498 -27.45 -8.06 -33.53
CA ASP B 498 -28.15 -6.79 -33.72
C ASP B 498 -27.59 -5.72 -32.78
N ASP B 499 -27.48 -6.07 -31.51
CA ASP B 499 -27.01 -5.13 -30.51
C ASP B 499 -25.57 -4.67 -30.76
N LYS B 500 -24.69 -5.60 -31.13
CA LYS B 500 -23.33 -5.21 -31.51
C LYS B 500 -23.35 -4.19 -32.62
N ASN B 501 -24.20 -4.42 -33.61
CA ASN B 501 -24.24 -3.55 -34.78
C ASN B 501 -24.77 -2.16 -34.43
N LYS B 502 -25.72 -2.10 -33.50
CA LYS B 502 -26.27 -0.83 -33.02
C LYS B 502 -25.25 -0.01 -32.21
N ILE B 503 -24.43 -0.71 -31.41
CA ILE B 503 -23.35 -0.07 -30.68
C ILE B 503 -22.36 0.48 -31.68
N MET B 504 -22.07 -0.32 -32.70
CA MET B 504 -21.06 0.03 -33.70
C MET B 504 -21.47 1.27 -34.49
N ILE B 505 -22.74 1.31 -34.83
CA ILE B 505 -23.29 2.43 -35.57
C ILE B 505 -23.22 3.73 -34.75
N SER B 506 -23.50 3.63 -33.46
CA SER B 506 -23.42 4.81 -32.60
C SER B 506 -21.99 5.34 -32.48
N VAL B 507 -21.04 4.44 -32.30
CA VAL B 507 -19.62 4.79 -32.21
C VAL B 507 -19.11 5.47 -33.50
N ARG B 508 -19.35 4.83 -34.65
CA ARG B 508 -19.00 5.45 -35.93
C ARG B 508 -19.52 6.88 -35.96
N LYS B 509 -20.76 7.07 -35.53
CA LYS B 509 -21.39 8.38 -35.58
C LYS B 509 -20.62 9.42 -34.75
N GLN B 510 -20.42 9.12 -33.47
CA GLN B 510 -19.72 10.05 -32.56
C GLN B 510 -18.27 10.31 -32.95
N ILE B 511 -17.64 9.34 -33.59
CA ILE B 511 -16.26 9.55 -34.04
C ILE B 511 -16.21 10.53 -35.21
N GLU B 512 -17.13 10.39 -36.16
CA GLU B 512 -17.23 11.35 -37.23
C GLU B 512 -17.39 12.77 -36.66
N ILE B 513 -18.34 12.93 -35.74
CA ILE B 513 -18.61 14.22 -35.10
C ILE B 513 -17.34 14.82 -34.47
N GLN B 514 -16.72 14.06 -33.58
CA GLN B 514 -15.51 14.52 -32.89
C GLN B 514 -14.37 14.82 -33.89
N THR B 515 -14.35 14.09 -35.00
CA THR B 515 -13.36 14.31 -36.05
C THR B 515 -13.59 15.67 -36.72
N LYS B 516 -14.83 15.92 -37.13
CA LYS B 516 -15.25 17.26 -37.58
C LYS B 516 -14.78 18.33 -36.61
N ILE B 517 -15.04 18.12 -35.34
CA ILE B 517 -14.68 19.10 -34.32
C ILE B 517 -13.17 19.35 -34.32
N GLN B 518 -12.39 18.27 -34.28
CA GLN B 518 -10.94 18.39 -34.29
C GLN B 518 -10.45 19.13 -35.55
N ASN B 519 -11.05 18.82 -36.70
CA ASN B 519 -10.61 19.43 -37.96
C ASN B 519 -11.00 20.89 -38.15
N ALA B 520 -11.83 21.43 -37.26
CA ALA B 520 -12.30 22.81 -37.39
C ALA B 520 -11.21 23.84 -37.08
N LYS B 521 -10.25 23.49 -36.21
CA LYS B 521 -9.16 24.39 -35.86
C LYS B 521 -8.21 24.62 -37.03
N ASN B 522 -8.45 23.90 -38.13
CA ASN B 522 -7.69 24.08 -39.37
C ASN B 522 -7.98 25.44 -39.99
N LYS B 523 -6.92 26.12 -40.44
CA LYS B 523 -7.05 27.45 -41.01
C LYS B 523 -5.90 27.77 -41.96
#